data_6X6R
#
_entry.id   6X6R
#
_cell.length_a   154.442
_cell.length_b   76.066
_cell.length_c   100.227
_cell.angle_alpha   90.000
_cell.angle_beta   122.100
_cell.angle_gamma   90.000
#
_symmetry.space_group_name_H-M   'C 1 2 1'
#
loop_
_entity.id
_entity.type
_entity.pdbx_description
1 polymer ADP-ribosyltransferase
2 non-polymer (3R,4S)-1-[(4-amino-5H-pyrrolo[3,2-d]pyrimidin-7-yl)methyl]-4-{[(4-chlorophenyl)sulfanyl]methyl}pyrrolidin-3-ol
3 non-polymer '[(2R,3S,4R,5R)-5-(6-AMINOPURIN-9-YL)-3,4-DIHYDROXY-OXOLAN-2-YL]METHYL [HYDROXY-[[(2R,3S,4R,5S)-3,4,5-TRIHYDROXYOXOLAN-2-YL]METHOXY]PHOSPHORYL] HYDROGEN PHOSPHATE'
4 water water
#
_entity_poly.entity_id   1
_entity_poly.type   'polypeptide(L)'
_entity_poly.pdbx_seq_one_letter_code
;VANTTYKAPIERPEDFLKDKEKAKEWERKEAERIEQKLERSEKEALESYKKDSVEISKYSQTRNYFYDYQIEANSREKEY
KELRNAISKNKIDKPMYVYYFESPEKFAFNKVIRTENQNEISLEKFNEFKETIQNKLFKQDGFKDISLYEPGKGDEKPTP
LLMHLKLPRNTGMLPYTNTNNVSTLIEQGYSIKIDKIVRIVIDGKHYIKAEASVVSSLDFKDDVSKGDSWGKANYNDWSN
KLTPNELADVNDYMRGGYTAINNYLISNGPVNNPNPELDSKITNIENALKREPIPTNLTVYRRSGPQEFGLTLTSPEYDF
NKLENIDAFKSKWEGQALSYPNFISTSIGSVNMSAFAKRKIVLRITIPKGSPGAYLSAIPGYAGEYEVLLNHGSKFKINK
IDSYKDGTITKLIVDATLIP
;
_entity_poly.pdbx_strand_id   A,B
#
# COMPACT_ATOMS: atom_id res chain seq x y z
N THR A 5 10.61 3.62 18.33
CA THR A 5 9.60 3.02 19.23
C THR A 5 8.72 4.08 20.01
N TYR A 6 7.40 3.94 19.83
CA TYR A 6 6.41 4.72 20.56
C TYR A 6 6.42 4.25 22.03
N LYS A 7 6.57 5.18 22.98
CA LYS A 7 6.43 4.84 24.41
C LYS A 7 4.90 4.82 24.69
N ALA A 8 4.38 3.62 24.97
CA ALA A 8 2.97 3.42 25.26
C ALA A 8 2.60 4.10 26.59
N PRO A 9 1.35 4.63 26.75
CA PRO A 9 0.99 5.25 28.04
C PRO A 9 1.03 4.27 29.22
N ILE A 10 0.56 3.02 29.04
CA ILE A 10 0.59 1.98 30.08
C ILE A 10 1.27 0.74 29.47
N GLU A 11 2.51 0.49 29.91
CA GLU A 11 3.38 -0.61 29.47
C GLU A 11 2.74 -1.99 29.72
N ARG A 12 2.96 -2.93 28.78
CA ARG A 12 2.48 -4.31 28.88
C ARG A 12 3.35 -5.18 27.98
N PRO A 13 3.41 -6.51 28.19
CA PRO A 13 4.09 -7.34 27.18
C PRO A 13 3.11 -7.58 26.01
N GLU A 14 3.56 -8.27 24.95
CA GLU A 14 2.66 -8.65 23.85
C GLU A 14 1.69 -9.76 24.30
N ASP A 15 2.13 -10.60 25.25
CA ASP A 15 1.36 -11.71 25.78
C ASP A 15 1.50 -11.77 27.29
N PHE A 16 0.36 -11.70 28.03
CA PHE A 16 0.39 -11.82 29.48
C PHE A 16 0.51 -13.29 29.92
N LEU A 17 0.40 -14.23 28.95
CA LEU A 17 0.47 -15.68 29.17
C LEU A 17 -0.54 -16.10 30.25
N LYS A 18 -0.10 -16.82 31.30
CA LYS A 18 -0.95 -17.29 32.39
C LYS A 18 -1.14 -16.28 33.52
N ASP A 19 -0.46 -15.12 33.45
CA ASP A 19 -0.50 -14.10 34.51
C ASP A 19 -1.80 -13.27 34.51
N LYS A 20 -2.87 -13.83 35.11
CA LYS A 20 -4.21 -13.24 35.20
C LYS A 20 -4.16 -11.89 35.95
N GLU A 21 -3.44 -11.85 37.10
CA GLU A 21 -3.33 -10.66 37.95
C GLU A 21 -2.76 -9.47 37.24
N LYS A 22 -1.62 -9.64 36.56
CA LYS A 22 -0.96 -8.60 35.77
C LYS A 22 -1.83 -8.16 34.59
N ALA A 23 -2.47 -9.11 33.86
CA ALA A 23 -3.36 -8.80 32.73
C ALA A 23 -4.57 -8.01 33.19
N LYS A 24 -5.24 -8.45 34.29
CA LYS A 24 -6.42 -7.78 34.86
C LYS A 24 -6.09 -6.37 35.35
N GLU A 25 -4.91 -6.19 36.00
CA GLU A 25 -4.41 -4.89 36.50
C GLU A 25 -4.20 -3.94 35.34
N TRP A 26 -3.58 -4.42 34.26
CA TRP A 26 -3.33 -3.60 33.08
C TRP A 26 -4.65 -3.25 32.37
N GLU A 27 -5.55 -4.23 32.27
CA GLU A 27 -6.84 -4.13 31.62
C GLU A 27 -7.71 -3.06 32.30
N ARG A 28 -7.71 -3.02 33.65
CA ARG A 28 -8.45 -2.03 34.43
C ARG A 28 -7.88 -0.63 34.23
N LYS A 29 -6.52 -0.48 34.26
CA LYS A 29 -5.86 0.81 34.01
C LYS A 29 -6.18 1.31 32.59
N GLU A 30 -6.19 0.39 31.59
CA GLU A 30 -6.50 0.72 30.21
C GLU A 30 -7.94 1.11 30.01
N ALA A 31 -8.87 0.39 30.68
CA ALA A 31 -10.32 0.68 30.62
C ALA A 31 -10.58 2.10 31.11
N GLU A 32 -9.91 2.50 32.20
CA GLU A 32 -10.00 3.82 32.82
C GLU A 32 -9.40 4.86 31.90
N ARG A 33 -8.20 4.60 31.34
CA ARG A 33 -7.52 5.51 30.43
C ARG A 33 -8.34 5.78 29.15
N ILE A 34 -8.89 4.73 28.51
CA ILE A 34 -9.64 4.87 27.26
C ILE A 34 -11.00 5.58 27.49
N GLU A 35 -11.64 5.29 28.65
CA GLU A 35 -12.89 5.95 29.04
C GLU A 35 -12.76 7.50 28.98
N GLN A 36 -11.59 8.02 29.38
CA GLN A 36 -11.19 9.43 29.37
C GLN A 36 -11.08 10.01 27.93
N LYS A 37 -10.92 9.14 26.91
CA LYS A 37 -10.79 9.51 25.49
C LYS A 37 -12.14 9.40 24.75
N LEU A 38 -13.12 8.69 25.33
CA LEU A 38 -14.40 8.43 24.65
C LEU A 38 -15.32 9.62 24.61
N GLU A 39 -15.98 9.84 23.45
CA GLU A 39 -16.99 10.88 23.26
C GLU A 39 -18.22 10.45 24.06
N ARG A 40 -19.17 11.35 24.32
CA ARG A 40 -20.40 11.03 25.08
C ARG A 40 -21.22 9.89 24.40
N SER A 41 -21.36 9.98 23.06
CA SER A 41 -22.10 8.98 22.26
C SER A 41 -21.43 7.60 22.28
N GLU A 42 -20.10 7.58 22.33
CA GLU A 42 -19.30 6.36 22.42
C GLU A 42 -19.48 5.69 23.80
N LYS A 43 -19.37 6.47 24.90
CA LYS A 43 -19.60 5.98 26.27
C LYS A 43 -21.05 5.43 26.36
N GLU A 44 -22.03 6.14 25.73
CA GLU A 44 -23.42 5.72 25.73
C GLU A 44 -23.58 4.40 24.96
N ALA A 45 -22.87 4.26 23.82
CA ALA A 45 -22.89 3.04 23.02
C ALA A 45 -22.32 1.85 23.81
N LEU A 46 -21.30 2.10 24.62
CA LEU A 46 -20.69 1.10 25.49
C LEU A 46 -21.67 0.65 26.59
N GLU A 47 -22.47 1.59 27.15
CA GLU A 47 -23.50 1.27 28.15
C GLU A 47 -24.56 0.37 27.53
N SER A 48 -25.03 0.68 26.29
CA SER A 48 -26.02 -0.13 25.56
C SER A 48 -25.49 -1.53 25.28
N TYR A 49 -24.19 -1.63 24.93
CA TYR A 49 -23.52 -2.90 24.68
C TYR A 49 -23.55 -3.82 25.90
N LYS A 50 -23.25 -3.30 27.10
CA LYS A 50 -23.28 -4.12 28.33
C LYS A 50 -24.67 -4.71 28.57
N LYS A 51 -25.74 -4.02 28.17
CA LYS A 51 -27.11 -4.47 28.39
C LYS A 51 -27.71 -5.34 27.25
N ASP A 52 -27.13 -5.29 26.05
N ASP A 52 -27.16 -5.21 26.02
CA ASP A 52 -27.64 -6.11 24.94
CA ASP A 52 -27.67 -5.91 24.83
C ASP A 52 -26.63 -7.21 24.66
C ASP A 52 -26.52 -6.40 23.93
N SER A 53 -25.41 -6.81 24.23
N SER A 53 -25.52 -7.08 24.54
CA SER A 53 -24.24 -7.63 23.88
CA SER A 53 -24.32 -7.57 23.87
C SER A 53 -24.50 -8.64 22.76
C SER A 53 -24.57 -8.57 22.74
N VAL A 54 -25.45 -9.57 22.96
CA VAL A 54 -25.74 -10.63 21.97
C VAL A 54 -26.35 -10.04 20.67
N GLU A 55 -27.39 -9.22 20.76
CA GLU A 55 -28.02 -8.62 19.58
C GLU A 55 -27.13 -7.61 18.85
N ILE A 56 -26.41 -6.78 19.61
CA ILE A 56 -25.47 -5.82 19.06
C ILE A 56 -24.33 -6.55 18.29
N SER A 57 -23.81 -7.67 18.83
CA SER A 57 -22.78 -8.43 18.15
C SER A 57 -23.33 -9.12 16.93
N LYS A 58 -24.52 -9.74 17.04
CA LYS A 58 -25.16 -10.40 15.90
C LYS A 58 -25.37 -9.38 14.75
N TYR A 59 -25.87 -8.16 15.07
CA TYR A 59 -26.06 -7.13 14.06
C TYR A 59 -24.75 -6.78 13.34
N SER A 60 -23.66 -6.65 14.11
CA SER A 60 -22.36 -6.28 13.57
C SER A 60 -21.75 -7.33 12.64
N GLN A 61 -22.23 -8.58 12.72
CA GLN A 61 -21.73 -9.64 11.86
C GLN A 61 -22.31 -9.55 10.44
N THR A 62 -23.58 -9.15 10.29
CA THR A 62 -24.18 -9.18 8.95
C THR A 62 -24.72 -7.86 8.43
N ARG A 63 -24.48 -6.75 9.15
CA ARG A 63 -25.01 -5.44 8.78
C ARG A 63 -24.68 -4.97 7.38
N ASN A 64 -23.50 -5.37 6.87
CA ASN A 64 -22.96 -4.93 5.59
C ASN A 64 -23.51 -5.69 4.36
N TYR A 65 -24.40 -6.66 4.55
CA TYR A 65 -24.96 -7.43 3.44
C TYR A 65 -26.26 -6.86 2.92
N PHE A 66 -26.74 -5.79 3.52
CA PHE A 66 -28.01 -5.18 3.10
C PHE A 66 -27.78 -4.07 2.07
N TYR A 67 -28.84 -3.45 1.55
CA TYR A 67 -28.64 -2.32 0.65
C TYR A 67 -28.03 -1.16 1.46
N ASP A 68 -27.24 -0.30 0.81
CA ASP A 68 -26.63 0.86 1.48
C ASP A 68 -27.64 1.70 2.30
N TYR A 69 -28.87 1.89 1.74
CA TYR A 69 -29.97 2.63 2.37
CA TYR A 69 -29.85 2.69 2.47
C TYR A 69 -30.62 1.85 3.49
N GLN A 70 -30.59 0.49 3.43
CA GLN A 70 -31.18 -0.31 4.50
C GLN A 70 -30.21 -0.18 5.72
N ILE A 71 -28.89 -0.15 5.45
CA ILE A 71 -27.84 -0.02 6.48
C ILE A 71 -28.08 1.27 7.27
N GLU A 72 -28.11 2.40 6.55
CA GLU A 72 -28.34 3.74 7.07
C GLU A 72 -29.63 3.78 7.92
N ALA A 73 -30.74 3.26 7.37
CA ALA A 73 -32.04 3.28 8.02
C ALA A 73 -32.22 2.28 9.16
N ASN A 74 -31.27 1.33 9.35
CA ASN A 74 -31.44 0.33 10.41
C ASN A 74 -31.36 0.98 11.79
N SER A 75 -32.29 0.62 12.69
CA SER A 75 -32.35 1.17 14.05
C SER A 75 -31.10 0.83 14.89
N ARG A 76 -30.37 -0.23 14.55
CA ARG A 76 -29.17 -0.60 15.30
C ARG A 76 -27.89 0.01 14.72
N GLU A 77 -27.97 0.74 13.59
CA GLU A 77 -26.79 1.25 12.89
C GLU A 77 -26.04 2.35 13.62
N LYS A 78 -26.75 3.27 14.25
CA LYS A 78 -26.09 4.38 14.96
C LYS A 78 -25.26 3.86 16.12
N GLU A 79 -25.80 2.89 16.85
CA GLU A 79 -25.12 2.26 17.98
CA GLU A 79 -25.13 2.23 17.98
C GLU A 79 -23.92 1.43 17.49
N TYR A 80 -24.08 0.74 16.32
CA TYR A 80 -22.99 -0.01 15.71
C TYR A 80 -21.83 0.97 15.45
N LYS A 81 -22.10 2.13 14.78
CA LYS A 81 -21.09 3.11 14.39
C LYS A 81 -20.37 3.70 15.61
N GLU A 82 -21.12 4.04 16.66
CA GLU A 82 -20.60 4.59 17.92
C GLU A 82 -19.72 3.61 18.65
N LEU A 83 -20.11 2.33 18.68
CA LEU A 83 -19.32 1.29 19.35
C LEU A 83 -18.06 0.95 18.53
N ARG A 84 -18.20 0.93 17.20
CA ARG A 84 -17.10 0.72 16.26
C ARG A 84 -16.09 1.85 16.46
N ASN A 85 -16.57 3.11 16.50
CA ASN A 85 -15.73 4.29 16.74
C ASN A 85 -15.04 4.23 18.09
N ALA A 86 -15.75 3.80 19.15
CA ALA A 86 -15.16 3.65 20.49
C ALA A 86 -13.94 2.69 20.47
N ILE A 87 -14.07 1.57 19.77
CA ILE A 87 -13.00 0.55 19.66
C ILE A 87 -11.80 1.14 18.88
N SER A 88 -12.06 1.91 17.80
CA SER A 88 -11.00 2.56 17.00
C SER A 88 -10.29 3.74 17.73
N LYS A 89 -10.74 4.13 18.93
CA LYS A 89 -10.10 5.15 19.77
C LYS A 89 -8.86 4.50 20.44
N ASN A 90 -8.78 3.14 20.39
CA ASN A 90 -7.65 2.45 20.96
C ASN A 90 -7.08 1.44 20.02
N LYS A 91 -6.50 1.92 18.92
CA LYS A 91 -5.74 1.07 18.01
C LYS A 91 -4.43 0.83 18.74
N ILE A 92 -4.12 -0.44 19.02
CA ILE A 92 -2.94 -0.82 19.80
C ILE A 92 -1.61 -0.45 19.08
N ASP A 93 -0.61 -0.02 19.86
CA ASP A 93 0.67 0.42 19.31
C ASP A 93 1.63 -0.73 19.00
N LYS A 94 1.30 -1.95 19.41
CA LYS A 94 2.13 -3.13 19.16
C LYS A 94 1.19 -4.32 19.23
N PRO A 95 1.55 -5.51 18.71
CA PRO A 95 0.63 -6.66 18.79
C PRO A 95 0.24 -7.06 20.20
N MET A 96 -0.88 -7.76 20.29
CA MET A 96 -1.40 -8.27 21.53
C MET A 96 -1.95 -9.67 21.29
N TYR A 97 -1.49 -10.64 22.10
CA TYR A 97 -2.04 -11.99 22.03
C TYR A 97 -3.25 -12.04 22.91
N VAL A 98 -4.32 -12.60 22.35
CA VAL A 98 -5.60 -12.68 23.05
C VAL A 98 -6.06 -14.12 23.16
N TYR A 99 -7.02 -14.36 24.06
CA TYR A 99 -7.51 -15.71 24.34
C TYR A 99 -8.97 -15.71 24.43
N TYR A 100 -9.59 -16.76 23.87
CA TYR A 100 -11.03 -16.92 23.97
C TYR A 100 -11.42 -18.35 23.61
N PHE A 101 -12.48 -18.85 24.24
CA PHE A 101 -12.99 -20.18 23.95
C PHE A 101 -13.83 -20.09 22.73
N GLU A 102 -13.74 -21.11 21.89
CA GLU A 102 -14.45 -21.11 20.64
C GLU A 102 -15.11 -22.46 20.44
N SER A 103 -16.19 -22.46 19.69
CA SER A 103 -16.86 -23.69 19.34
C SER A 103 -16.09 -24.28 18.14
N PRO A 104 -15.72 -25.57 18.15
CA PRO A 104 -15.09 -26.17 16.95
C PRO A 104 -15.98 -26.04 15.69
N GLU A 105 -17.31 -25.92 15.87
CA GLU A 105 -18.28 -25.72 14.77
C GLU A 105 -17.99 -24.41 13.99
N LYS A 106 -17.25 -23.47 14.60
CA LYS A 106 -16.81 -22.22 13.98
C LYS A 106 -15.85 -22.49 12.82
N PHE A 107 -15.18 -23.64 12.85
CA PHE A 107 -14.22 -24.01 11.81
C PHE A 107 -14.77 -25.16 10.96
N ALA A 108 -16.12 -25.38 11.01
CA ALA A 108 -16.87 -26.43 10.33
C ALA A 108 -16.46 -27.84 10.80
N PHE A 109 -16.05 -27.98 12.09
CA PHE A 109 -15.76 -29.30 12.67
C PHE A 109 -17.04 -29.68 13.37
N ASN A 110 -17.74 -30.70 12.88
CA ASN A 110 -19.06 -31.02 13.43
C ASN A 110 -19.10 -32.18 14.41
N LYS A 111 -17.97 -32.86 14.59
CA LYS A 111 -17.89 -33.94 15.57
C LYS A 111 -17.64 -33.31 16.96
N VAL A 112 -17.79 -34.10 18.00
CA VAL A 112 -17.56 -33.62 19.36
C VAL A 112 -16.08 -33.87 19.65
N ILE A 113 -15.33 -32.86 20.12
CA ILE A 113 -13.91 -33.01 20.46
C ILE A 113 -13.80 -33.86 21.73
N ARG A 114 -14.71 -33.60 22.69
CA ARG A 114 -14.97 -34.29 23.95
C ARG A 114 -16.15 -33.59 24.65
N THR A 115 -16.83 -34.30 25.53
CA THR A 115 -17.95 -33.77 26.32
C THR A 115 -17.37 -32.95 27.48
N GLU A 116 -18.24 -32.17 28.15
CA GLU A 116 -17.91 -31.36 29.33
C GLU A 116 -17.39 -32.26 30.49
N ASN A 117 -17.99 -33.46 30.67
CA ASN A 117 -17.67 -34.45 31.71
C ASN A 117 -16.39 -35.27 31.41
N GLN A 118 -16.08 -35.50 30.12
CA GLN A 118 -14.84 -36.19 29.71
C GLN A 118 -13.65 -35.27 29.98
N ASN A 119 -12.56 -35.85 30.44
CA ASN A 119 -11.33 -35.10 30.72
C ASN A 119 -10.37 -35.16 29.53
N GLU A 120 -10.36 -36.28 28.80
CA GLU A 120 -9.40 -36.53 27.73
C GLU A 120 -9.90 -36.19 26.33
N ILE A 121 -8.96 -35.78 25.46
CA ILE A 121 -9.18 -35.54 24.04
C ILE A 121 -8.33 -36.61 23.38
N SER A 122 -8.97 -37.56 22.68
CA SER A 122 -8.25 -38.63 21.99
C SER A 122 -7.40 -38.05 20.87
N LEU A 123 -6.29 -38.72 20.53
CA LEU A 123 -5.42 -38.30 19.43
C LEU A 123 -6.21 -38.36 18.14
N GLU A 124 -7.21 -39.30 18.04
CA GLU A 124 -8.12 -39.46 16.89
CA GLU A 124 -8.09 -39.44 16.88
C GLU A 124 -8.83 -38.13 16.63
N LYS A 125 -9.54 -37.58 17.65
CA LYS A 125 -10.27 -36.31 17.55
C LYS A 125 -9.36 -35.14 17.28
N PHE A 126 -8.23 -35.08 18.02
CA PHE A 126 -7.20 -34.05 17.88
C PHE A 126 -6.72 -33.96 16.42
N ASN A 127 -6.37 -35.11 15.82
CA ASN A 127 -5.89 -35.22 14.43
C ASN A 127 -6.99 -34.90 13.42
N GLU A 128 -8.24 -35.29 13.71
CA GLU A 128 -9.39 -34.98 12.84
C GLU A 128 -9.65 -33.48 12.83
N PHE A 129 -9.44 -32.81 13.99
CA PHE A 129 -9.64 -31.37 14.11
C PHE A 129 -8.53 -30.68 13.32
N LYS A 130 -7.29 -31.19 13.45
CA LYS A 130 -6.10 -30.67 12.74
C LYS A 130 -6.33 -30.69 11.22
N GLU A 131 -6.85 -31.81 10.68
CA GLU A 131 -7.13 -31.95 9.25
C GLU A 131 -8.17 -30.95 8.76
N THR A 132 -9.22 -30.68 9.57
CA THR A 132 -10.30 -29.73 9.24
C THR A 132 -9.78 -28.28 9.15
N ILE A 133 -8.85 -27.89 10.04
CA ILE A 133 -8.40 -26.49 10.12
C ILE A 133 -7.11 -26.19 9.35
N GLN A 134 -6.29 -27.19 9.05
CA GLN A 134 -5.01 -26.98 8.37
C GLN A 134 -5.14 -26.37 6.96
N ASN A 135 -4.26 -25.41 6.66
CA ASN A 135 -4.14 -24.76 5.35
C ASN A 135 -5.41 -23.98 4.94
N LYS A 136 -6.19 -23.52 5.91
CA LYS A 136 -7.41 -22.77 5.65
C LYS A 136 -7.39 -21.41 6.33
N LEU A 137 -8.06 -20.42 5.70
CA LEU A 137 -8.29 -19.10 6.26
C LEU A 137 -9.73 -19.08 6.70
N PHE A 138 -10.01 -18.46 7.83
CA PHE A 138 -11.36 -18.38 8.36
C PHE A 138 -11.68 -16.95 8.69
N LYS A 139 -12.72 -16.39 8.06
CA LYS A 139 -13.18 -15.03 8.37
C LYS A 139 -13.83 -14.95 9.74
N GLN A 140 -13.41 -13.96 10.55
CA GLN A 140 -13.97 -13.71 11.88
C GLN A 140 -14.58 -12.32 11.81
N ASP A 141 -15.83 -12.15 12.24
CA ASP A 141 -16.48 -10.84 12.13
C ASP A 141 -17.37 -10.54 13.29
N GLY A 142 -17.50 -9.26 13.62
CA GLY A 142 -18.41 -8.81 14.67
C GLY A 142 -17.76 -8.53 16.01
N PHE A 143 -18.46 -7.75 16.84
CA PHE A 143 -18.00 -7.41 18.18
C PHE A 143 -17.79 -8.67 18.99
N LYS A 144 -16.70 -8.72 19.73
CA LYS A 144 -16.40 -9.88 20.56
C LYS A 144 -15.60 -9.50 21.77
N ASP A 145 -15.97 -10.07 22.92
CA ASP A 145 -15.23 -9.94 24.18
C ASP A 145 -14.18 -11.04 24.17
N ILE A 146 -12.95 -10.68 24.50
CA ILE A 146 -11.84 -11.62 24.53
C ILE A 146 -11.12 -11.46 25.88
N SER A 147 -10.22 -12.38 26.20
CA SER A 147 -9.44 -12.32 27.43
C SER A 147 -7.98 -12.00 27.09
N LEU A 148 -7.25 -11.38 28.02
CA LEU A 148 -5.86 -10.99 27.81
C LEU A 148 -4.87 -11.95 28.44
N TYR A 149 -5.34 -13.09 28.94
CA TYR A 149 -4.48 -14.09 29.58
C TYR A 149 -5.07 -15.47 29.34
N GLU A 150 -4.23 -16.48 29.47
CA GLU A 150 -4.63 -17.86 29.35
C GLU A 150 -5.50 -18.28 30.55
N PRO A 151 -6.75 -18.73 30.29
CA PRO A 151 -7.64 -19.15 31.40
C PRO A 151 -7.10 -20.33 32.17
N GLY A 152 -7.32 -20.30 33.47
CA GLY A 152 -6.88 -21.34 34.39
C GLY A 152 -8.04 -21.94 35.12
N LYS A 153 -7.75 -22.50 36.29
N LYS A 153 -7.79 -22.49 36.31
CA LYS A 153 -8.66 -23.20 37.20
CA LYS A 153 -8.86 -23.01 37.16
C LYS A 153 -9.95 -22.43 37.51
C LYS A 153 -9.54 -21.78 37.76
N GLY A 154 -9.79 -21.18 37.98
N GLY A 154 -10.86 -21.86 37.90
CA GLY A 154 -10.89 -20.31 38.41
CA GLY A 154 -11.66 -20.74 38.39
C GLY A 154 -11.47 -19.38 37.36
C GLY A 154 -12.21 -19.92 37.25
N ASP A 155 -11.46 -19.83 36.11
CA ASP A 155 -11.96 -19.12 34.94
C ASP A 155 -12.99 -20.00 34.25
N GLU A 156 -13.96 -19.36 33.58
CA GLU A 156 -15.01 -20.07 32.84
C GLU A 156 -14.41 -20.60 31.56
N LYS A 157 -14.57 -21.90 31.30
CA LYS A 157 -14.00 -22.59 30.15
C LYS A 157 -15.13 -23.36 29.46
N PRO A 158 -15.95 -22.66 28.65
CA PRO A 158 -17.18 -23.31 28.13
C PRO A 158 -17.04 -24.34 27.00
N THR A 159 -15.90 -24.42 26.31
CA THR A 159 -15.71 -25.36 25.19
C THR A 159 -14.33 -26.07 25.34
N PRO A 160 -14.05 -27.20 24.63
CA PRO A 160 -12.70 -27.78 24.68
C PRO A 160 -11.68 -27.08 23.77
N LEU A 161 -12.06 -25.98 23.11
CA LEU A 161 -11.21 -25.28 22.19
C LEU A 161 -10.86 -23.85 22.64
N LEU A 162 -9.57 -23.60 22.85
CA LEU A 162 -9.05 -22.31 23.26
C LEU A 162 -8.28 -21.65 22.14
N MET A 163 -8.72 -20.47 21.74
CA MET A 163 -8.04 -19.69 20.70
C MET A 163 -6.98 -18.81 21.33
N HIS A 164 -5.78 -18.83 20.77
CA HIS A 164 -4.65 -18.00 21.19
C HIS A 164 -4.25 -17.25 19.93
N LEU A 165 -4.83 -16.06 19.78
CA LEU A 165 -4.75 -15.23 18.58
C LEU A 165 -3.85 -14.02 18.71
N LYS A 166 -2.90 -13.87 17.79
CA LYS A 166 -2.04 -12.70 17.79
C LYS A 166 -2.78 -11.54 17.04
N LEU A 167 -3.15 -10.47 17.77
CA LEU A 167 -3.80 -9.32 17.14
C LEU A 167 -2.70 -8.40 16.67
N PRO A 168 -2.66 -8.01 15.40
CA PRO A 168 -1.54 -7.17 14.94
C PRO A 168 -1.59 -5.74 15.44
N ARG A 169 -0.47 -5.00 15.27
CA ARG A 169 -0.37 -3.59 15.63
C ARG A 169 -1.54 -2.87 14.91
N ASN A 170 -2.13 -1.85 15.56
CA ASN A 170 -3.24 -1.03 15.07
C ASN A 170 -4.59 -1.71 15.13
N THR A 171 -4.72 -2.89 15.74
CA THR A 171 -6.05 -3.48 15.97
C THR A 171 -6.70 -2.66 17.07
N GLY A 172 -7.97 -2.27 16.88
CA GLY A 172 -8.69 -1.57 17.92
C GLY A 172 -9.04 -2.56 19.03
N MET A 173 -8.84 -2.15 20.27
CA MET A 173 -9.14 -2.97 21.45
C MET A 173 -9.75 -2.07 22.47
N LEU A 174 -10.92 -2.45 22.96
CA LEU A 174 -11.63 -1.61 23.93
C LEU A 174 -11.77 -2.28 25.31
N PRO A 175 -10.79 -2.07 26.21
CA PRO A 175 -10.94 -2.55 27.60
C PRO A 175 -12.00 -1.69 28.25
N TYR A 176 -12.91 -2.31 29.00
CA TYR A 176 -14.00 -1.59 29.64
C TYR A 176 -14.44 -2.29 30.91
N THR A 177 -14.94 -1.51 31.86
CA THR A 177 -15.45 -2.06 33.10
C THR A 177 -16.93 -2.36 32.95
N ASN A 178 -17.40 -3.44 33.57
CA ASN A 178 -18.79 -3.85 33.56
C ASN A 178 -19.08 -4.24 34.98
N THR A 179 -19.55 -3.26 35.79
CA THR A 179 -19.87 -3.37 37.24
C THR A 179 -18.57 -3.64 38.03
N ASN A 180 -18.34 -4.90 38.50
CA ASN A 180 -17.13 -5.28 39.24
C ASN A 180 -16.10 -6.03 38.36
N ASN A 181 -16.45 -6.24 37.09
CA ASN A 181 -15.57 -6.95 36.17
C ASN A 181 -14.99 -6.04 35.10
N VAL A 182 -13.94 -6.54 34.43
CA VAL A 182 -13.31 -5.83 33.33
C VAL A 182 -13.24 -6.81 32.15
N SER A 183 -13.51 -6.31 30.94
CA SER A 183 -13.42 -7.09 29.72
C SER A 183 -12.82 -6.26 28.61
N THR A 184 -12.49 -6.90 27.48
CA THR A 184 -11.95 -6.21 26.33
C THR A 184 -12.78 -6.56 25.11
N LEU A 185 -13.23 -5.51 24.43
CA LEU A 185 -14.00 -5.64 23.23
C LEU A 185 -13.14 -5.40 22.00
N ILE A 186 -13.32 -6.23 20.99
CA ILE A 186 -12.70 -6.06 19.67
C ILE A 186 -13.81 -6.15 18.62
N GLU A 187 -13.54 -5.65 17.42
CA GLU A 187 -14.57 -5.77 16.40
C GLU A 187 -14.31 -6.92 15.38
N GLN A 188 -13.21 -7.63 15.49
CA GLN A 188 -12.81 -8.72 14.58
C GLN A 188 -12.68 -8.13 13.15
N GLY A 189 -13.23 -8.79 12.13
CA GLY A 189 -13.13 -8.29 10.74
C GLY A 189 -11.83 -8.64 10.05
N TYR A 190 -11.41 -9.90 10.13
CA TYR A 190 -10.17 -10.39 9.50
C TYR A 190 -10.25 -11.88 9.24
N SER A 191 -9.30 -12.38 8.49
CA SER A 191 -9.13 -13.80 8.25
C SER A 191 -8.14 -14.25 9.29
N ILE A 192 -8.33 -15.46 9.80
CA ILE A 192 -7.35 -16.09 10.68
C ILE A 192 -6.89 -17.38 10.06
N LYS A 193 -5.70 -17.80 10.42
CA LYS A 193 -5.11 -19.06 10.04
C LYS A 193 -4.72 -19.72 11.36
N ILE A 194 -5.03 -21.00 11.53
CA ILE A 194 -4.64 -21.75 12.71
C ILE A 194 -3.36 -22.45 12.27
N ASP A 195 -2.22 -21.91 12.74
CA ASP A 195 -0.89 -22.37 12.39
C ASP A 195 -0.55 -23.67 13.07
N LYS A 196 -1.01 -23.82 14.33
CA LYS A 196 -0.64 -24.96 15.14
C LYS A 196 -1.70 -25.17 16.22
N ILE A 197 -1.95 -26.44 16.56
CA ILE A 197 -2.80 -26.87 17.65
C ILE A 197 -1.96 -27.72 18.61
N VAL A 198 -2.18 -27.56 19.91
CA VAL A 198 -1.52 -28.35 20.95
C VAL A 198 -2.60 -28.74 21.98
N ARG A 199 -2.45 -29.91 22.56
CA ARG A 199 -3.36 -30.36 23.59
C ARG A 199 -2.78 -29.85 24.90
N ILE A 200 -3.56 -29.07 25.63
CA ILE A 200 -3.10 -28.52 26.89
C ILE A 200 -3.96 -29.05 27.99
N VAL A 201 -3.48 -28.95 29.21
CA VAL A 201 -4.25 -29.39 30.36
C VAL A 201 -4.54 -28.14 31.19
N ILE A 202 -5.81 -27.93 31.49
CA ILE A 202 -6.27 -26.92 32.43
C ILE A 202 -7.14 -27.67 33.42
N ASP A 203 -6.78 -27.62 34.73
CA ASP A 203 -7.51 -28.23 35.85
C ASP A 203 -7.99 -29.68 35.58
N GLY A 204 -7.05 -30.52 35.15
CA GLY A 204 -7.32 -31.93 34.89
C GLY A 204 -8.15 -32.26 33.66
N LYS A 205 -8.30 -31.31 32.70
CA LYS A 205 -9.02 -31.58 31.45
C LYS A 205 -8.18 -31.19 30.27
N HIS A 206 -8.31 -31.90 29.17
CA HIS A 206 -7.61 -31.57 27.95
C HIS A 206 -8.43 -30.52 27.20
N TYR A 207 -7.73 -29.55 26.61
CA TYR A 207 -8.27 -28.50 25.76
C TYR A 207 -7.35 -28.41 24.58
N ILE A 208 -7.90 -28.06 23.43
CA ILE A 208 -7.07 -27.84 22.24
C ILE A 208 -6.77 -26.35 22.29
N LYS A 209 -5.49 -25.99 22.28
CA LYS A 209 -5.07 -24.60 22.23
C LYS A 209 -4.68 -24.36 20.78
N ALA A 210 -5.42 -23.49 20.11
CA ALA A 210 -5.19 -23.18 18.71
C ALA A 210 -4.39 -21.87 18.57
N GLU A 211 -3.15 -21.99 18.07
CA GLU A 211 -2.25 -20.87 17.80
C GLU A 211 -2.68 -20.28 16.47
N ALA A 212 -3.35 -19.14 16.53
CA ALA A 212 -3.88 -18.51 15.35
C ALA A 212 -3.24 -17.18 15.10
N SER A 213 -3.17 -16.80 13.85
CA SER A 213 -2.67 -15.51 13.46
C SER A 213 -3.64 -14.87 12.50
N VAL A 214 -3.62 -13.54 12.45
CA VAL A 214 -4.41 -12.77 11.51
C VAL A 214 -3.63 -12.74 10.17
N VAL A 215 -4.28 -13.12 9.08
CA VAL A 215 -3.70 -13.03 7.75
C VAL A 215 -4.38 -11.79 7.18
N SER A 216 -3.64 -10.68 7.05
CA SER A 216 -4.22 -9.40 6.63
C SER A 216 -4.79 -9.42 5.21
N SER A 217 -5.89 -8.70 5.04
CA SER A 217 -6.54 -8.57 3.75
C SER A 217 -7.33 -7.29 3.71
N LEU A 218 -7.62 -6.83 2.51
CA LEU A 218 -8.51 -5.70 2.34
C LEU A 218 -9.90 -6.28 2.27
N ASP A 219 -10.81 -5.72 3.05
CA ASP A 219 -12.19 -6.16 3.05
C ASP A 219 -12.97 -4.89 3.27
N PHE A 220 -13.51 -4.35 2.18
CA PHE A 220 -14.20 -3.06 2.27
C PHE A 220 -15.60 -3.16 2.82
N LYS A 221 -16.17 -4.38 2.82
CA LYS A 221 -17.51 -4.63 3.31
C LYS A 221 -18.50 -3.66 2.61
N ASP A 222 -19.30 -2.89 3.36
CA ASP A 222 -20.25 -1.96 2.75
C ASP A 222 -19.62 -0.66 2.28
N ASP A 223 -18.32 -0.42 2.58
CA ASP A 223 -17.66 0.80 2.16
C ASP A 223 -17.14 0.73 0.71
N VAL A 224 -18.10 0.77 -0.24
CA VAL A 224 -17.85 0.66 -1.67
C VAL A 224 -17.05 1.86 -2.21
N SER A 225 -17.14 3.03 -1.55
CA SER A 225 -16.42 4.27 -1.89
C SER A 225 -14.92 4.06 -1.66
N LYS A 226 -14.56 3.53 -0.48
CA LYS A 226 -13.18 3.25 -0.14
C LYS A 226 -12.66 2.14 -1.06
N GLY A 227 -13.50 1.14 -1.34
CA GLY A 227 -13.18 0.01 -2.23
C GLY A 227 -12.90 0.47 -3.64
N ASP A 228 -13.74 1.39 -4.13
CA ASP A 228 -13.65 2.01 -5.45
C ASP A 228 -12.38 2.84 -5.57
N SER A 229 -12.00 3.60 -4.51
CA SER A 229 -10.77 4.40 -4.53
CA SER A 229 -10.77 4.40 -4.53
C SER A 229 -9.56 3.48 -4.61
N TRP A 230 -9.61 2.34 -3.90
CA TRP A 230 -8.50 1.38 -3.95
C TRP A 230 -8.41 0.79 -5.35
N GLY A 231 -9.53 0.33 -5.90
CA GLY A 231 -9.58 -0.26 -7.23
C GLY A 231 -9.04 0.67 -8.31
N LYS A 232 -9.47 1.95 -8.25
CA LYS A 232 -9.01 3.00 -9.17
C LYS A 232 -7.54 3.35 -8.96
N ALA A 233 -7.06 3.39 -7.69
CA ALA A 233 -5.64 3.66 -7.44
C ALA A 233 -4.75 2.55 -8.07
N ASN A 234 -5.23 1.32 -8.07
CA ASN A 234 -4.46 0.22 -8.60
C ASN A 234 -4.73 -0.15 -10.07
N TYR A 235 -5.89 0.21 -10.63
CA TYR A 235 -6.25 -0.19 -11.99
C TYR A 235 -6.62 0.92 -12.94
N ASN A 236 -6.44 2.19 -12.57
CA ASN A 236 -6.76 3.29 -13.51
C ASN A 236 -5.91 3.23 -14.76
N ASP A 237 -4.66 2.73 -14.63
CA ASP A 237 -3.70 2.63 -15.72
C ASP A 237 -3.65 1.20 -16.33
N TRP A 238 -4.58 0.31 -15.93
CA TRP A 238 -4.60 -1.08 -16.37
C TRP A 238 -4.90 -1.25 -17.87
N SER A 239 -5.94 -0.57 -18.38
CA SER A 239 -6.28 -0.69 -19.81
C SER A 239 -5.10 -0.33 -20.72
N ASN A 240 -4.25 0.61 -20.30
CA ASN A 240 -3.08 1.04 -21.08
C ASN A 240 -1.93 0.03 -21.03
N LYS A 241 -2.00 -0.95 -20.12
CA LYS A 241 -0.99 -1.99 -19.97
C LYS A 241 -1.27 -3.13 -20.92
N LEU A 242 -2.47 -3.14 -21.49
CA LEU A 242 -2.93 -4.19 -22.42
C LEU A 242 -2.59 -3.88 -23.86
N THR A 243 -2.53 -4.94 -24.69
CA THR A 243 -2.34 -4.75 -26.13
C THR A 243 -3.71 -4.29 -26.66
N PRO A 244 -3.80 -3.56 -27.79
CA PRO A 244 -5.12 -3.19 -28.32
C PRO A 244 -6.09 -4.39 -28.47
N ASN A 245 -5.58 -5.60 -28.77
CA ASN A 245 -6.42 -6.80 -28.93
C ASN A 245 -6.97 -7.31 -27.62
N GLU A 246 -6.13 -7.32 -26.58
CA GLU A 246 -6.51 -7.70 -25.20
C GLU A 246 -7.57 -6.74 -24.71
N LEU A 247 -7.34 -5.41 -24.91
CA LEU A 247 -8.30 -4.41 -24.48
C LEU A 247 -9.63 -4.51 -25.26
N ALA A 248 -9.60 -4.71 -26.59
CA ALA A 248 -10.81 -4.88 -27.40
C ALA A 248 -11.59 -6.11 -26.91
N ASP A 249 -10.92 -7.25 -26.61
CA ASP A 249 -11.58 -8.48 -26.08
C ASP A 249 -12.14 -8.27 -24.67
N VAL A 250 -11.42 -7.52 -23.79
CA VAL A 250 -11.91 -7.19 -22.44
C VAL A 250 -13.19 -6.32 -22.60
N ASN A 251 -13.13 -5.26 -23.44
CA ASN A 251 -14.29 -4.41 -23.70
C ASN A 251 -15.45 -5.19 -24.31
N ASP A 252 -15.19 -6.06 -25.30
CA ASP A 252 -16.21 -6.88 -25.96
C ASP A 252 -16.91 -7.76 -24.92
N TYR A 253 -16.12 -8.34 -23.98
CA TYR A 253 -16.63 -9.18 -22.89
C TYR A 253 -17.57 -8.35 -22.02
N MET A 254 -17.10 -7.19 -21.53
CA MET A 254 -17.82 -6.27 -20.66
C MET A 254 -19.08 -5.69 -21.31
N ARG A 255 -19.02 -5.49 -22.63
CA ARG A 255 -20.09 -4.93 -23.46
CA ARG A 255 -20.10 -4.92 -23.44
C ARG A 255 -21.11 -5.99 -23.91
N GLY A 256 -21.27 -7.08 -23.11
CA GLY A 256 -22.19 -8.19 -23.35
C GLY A 256 -21.68 -9.45 -24.02
N GLY A 257 -20.40 -9.48 -24.38
CA GLY A 257 -19.76 -10.64 -25.00
C GLY A 257 -19.57 -11.77 -24.00
N TYR A 258 -19.81 -11.49 -22.70
CA TYR A 258 -19.68 -12.46 -21.60
C TYR A 258 -20.63 -13.64 -21.73
N THR A 259 -21.80 -13.45 -22.37
CA THR A 259 -22.82 -14.48 -22.54
C THR A 259 -22.28 -15.58 -23.43
N ALA A 260 -21.84 -15.25 -24.67
CA ALA A 260 -21.27 -16.25 -25.59
C ALA A 260 -20.00 -16.91 -24.96
N ILE A 261 -19.10 -16.11 -24.36
CA ILE A 261 -17.87 -16.61 -23.74
C ILE A 261 -18.16 -17.54 -22.55
N ASN A 262 -18.96 -17.10 -21.58
CA ASN A 262 -19.23 -17.90 -20.38
C ASN A 262 -20.09 -19.13 -20.66
N ASN A 263 -21.05 -19.06 -21.60
CA ASN A 263 -21.86 -20.25 -21.97
C ASN A 263 -21.00 -21.28 -22.67
N TYR A 264 -20.05 -20.81 -23.51
CA TYR A 264 -19.13 -21.65 -24.24
C TYR A 264 -18.21 -22.38 -23.27
N LEU A 265 -17.68 -21.67 -22.26
CA LEU A 265 -16.80 -22.22 -21.22
C LEU A 265 -17.54 -23.23 -20.33
N ILE A 266 -18.78 -22.87 -19.86
CA ILE A 266 -19.63 -23.71 -19.00
C ILE A 266 -20.03 -25.00 -19.72
N SER A 267 -20.42 -24.91 -21.00
CA SER A 267 -20.83 -26.08 -21.79
C SER A 267 -19.66 -26.95 -22.26
N ASN A 268 -18.41 -26.63 -21.83
CA ASN A 268 -17.14 -27.28 -22.18
C ASN A 268 -16.84 -27.22 -23.69
N GLY A 269 -17.29 -26.11 -24.30
CA GLY A 269 -17.09 -25.78 -25.71
C GLY A 269 -15.66 -25.90 -26.18
N PRO A 270 -14.61 -25.48 -25.42
CA PRO A 270 -13.23 -25.65 -25.93
C PRO A 270 -12.82 -27.09 -26.19
N VAL A 271 -13.55 -28.06 -25.60
CA VAL A 271 -13.26 -29.48 -25.82
C VAL A 271 -14.25 -30.13 -26.80
N ASN A 272 -15.57 -30.06 -26.54
CA ASN A 272 -16.61 -30.70 -27.37
C ASN A 272 -17.00 -29.96 -28.68
N ASN A 273 -16.84 -28.60 -28.74
CA ASN A 273 -17.19 -27.86 -29.96
C ASN A 273 -16.28 -26.61 -30.07
N PRO A 274 -14.94 -26.79 -30.27
CA PRO A 274 -14.02 -25.63 -30.26
C PRO A 274 -14.37 -24.51 -31.24
N ASN A 275 -14.30 -23.27 -30.76
CA ASN A 275 -14.57 -22.07 -31.51
C ASN A 275 -13.28 -21.23 -31.44
N PRO A 276 -12.44 -21.20 -32.50
CA PRO A 276 -11.17 -20.47 -32.43
C PRO A 276 -11.30 -18.99 -32.12
N GLU A 277 -12.41 -18.35 -32.56
CA GLU A 277 -12.66 -16.93 -32.31
C GLU A 277 -12.86 -16.67 -30.82
N LEU A 278 -13.70 -17.52 -30.17
CA LEU A 278 -13.99 -17.46 -28.74
C LEU A 278 -12.75 -17.87 -27.94
N ASP A 279 -12.00 -18.89 -28.40
CA ASP A 279 -10.77 -19.33 -27.73
C ASP A 279 -9.73 -18.16 -27.65
N SER A 280 -9.56 -17.40 -28.76
CA SER A 280 -8.69 -16.23 -28.85
C SER A 280 -9.13 -15.13 -27.86
N LYS A 281 -10.44 -14.88 -27.76
CA LYS A 281 -11.03 -13.92 -26.82
C LYS A 281 -10.73 -14.36 -25.37
N ILE A 282 -10.93 -15.66 -25.05
CA ILE A 282 -10.64 -16.23 -23.73
C ILE A 282 -9.14 -16.08 -23.41
N THR A 283 -8.23 -16.47 -24.36
CA THR A 283 -6.79 -16.31 -24.19
C THR A 283 -6.39 -14.85 -23.84
N ASN A 284 -6.92 -13.88 -24.58
CA ASN A 284 -6.63 -12.46 -24.39
C ASN A 284 -7.14 -11.89 -23.08
N ILE A 285 -8.36 -12.28 -22.66
CA ILE A 285 -8.94 -11.80 -21.40
C ILE A 285 -8.14 -12.42 -20.27
N GLU A 286 -7.83 -13.72 -20.36
CA GLU A 286 -7.02 -14.38 -19.35
C GLU A 286 -5.65 -13.69 -19.22
N ASN A 287 -4.97 -13.40 -20.37
CA ASN A 287 -3.68 -12.71 -20.33
C ASN A 287 -3.77 -11.33 -19.70
N ALA A 288 -4.85 -10.56 -20.03
CA ALA A 288 -5.13 -9.25 -19.46
C ALA A 288 -5.26 -9.33 -17.92
N LEU A 289 -5.92 -10.37 -17.40
CA LEU A 289 -6.08 -10.57 -15.95
C LEU A 289 -4.77 -10.94 -15.26
N LYS A 290 -3.78 -11.44 -16.01
CA LYS A 290 -2.49 -11.80 -15.46
C LYS A 290 -1.50 -10.64 -15.51
N ARG A 291 -1.86 -9.54 -16.19
CA ARG A 291 -0.99 -8.37 -16.36
C ARG A 291 -0.71 -7.64 -15.05
N GLU A 292 -1.75 -7.36 -14.27
CA GLU A 292 -1.59 -6.69 -13.00
C GLU A 292 -2.32 -7.51 -11.95
N PRO A 293 -1.65 -8.56 -11.40
CA PRO A 293 -2.31 -9.43 -10.43
C PRO A 293 -2.79 -8.69 -9.21
N ILE A 294 -3.84 -9.19 -8.56
CA ILE A 294 -4.36 -8.53 -7.33
C ILE A 294 -3.16 -8.26 -6.38
N PRO A 295 -2.85 -6.97 -6.05
CA PRO A 295 -1.58 -6.67 -5.36
C PRO A 295 -1.50 -7.05 -3.89
N THR A 296 -2.62 -7.37 -3.31
CA THR A 296 -2.67 -7.67 -1.87
C THR A 296 -3.86 -8.59 -1.60
N ASN A 297 -3.87 -9.30 -0.45
CA ASN A 297 -5.00 -10.17 -0.11
C ASN A 297 -6.27 -9.31 -0.13
N LEU A 298 -7.25 -9.74 -0.89
CA LEU A 298 -8.44 -8.94 -1.12
C LEU A 298 -9.69 -9.78 -0.98
N THR A 299 -10.66 -9.28 -0.26
CA THR A 299 -11.93 -9.98 -0.09
C THR A 299 -12.93 -9.35 -1.04
N VAL A 300 -13.61 -10.19 -1.82
CA VAL A 300 -14.64 -9.74 -2.75
C VAL A 300 -15.93 -10.47 -2.50
N TYR A 301 -17.02 -9.96 -3.03
CA TYR A 301 -18.34 -10.50 -2.80
C TYR A 301 -19.05 -10.82 -4.06
N ARG A 302 -19.63 -12.01 -4.14
CA ARG A 302 -20.41 -12.36 -5.31
C ARG A 302 -21.80 -12.80 -4.85
N ARG A 303 -22.83 -12.25 -5.47
CA ARG A 303 -24.21 -12.65 -5.21
C ARG A 303 -24.45 -13.77 -6.20
N SER A 304 -24.52 -15.00 -5.70
CA SER A 304 -24.64 -16.19 -6.53
C SER A 304 -26.06 -16.63 -6.72
N GLY A 305 -26.35 -17.06 -7.94
CA GLY A 305 -27.63 -17.64 -8.33
C GLY A 305 -27.63 -19.09 -7.85
N PRO A 306 -28.80 -19.74 -7.76
CA PRO A 306 -28.82 -21.16 -7.29
C PRO A 306 -28.02 -22.15 -8.12
N GLN A 307 -27.90 -21.92 -9.45
CA GLN A 307 -27.23 -22.80 -10.41
C GLN A 307 -25.76 -22.98 -10.15
N GLU A 308 -25.12 -22.00 -9.50
CA GLU A 308 -23.70 -22.06 -9.15
C GLU A 308 -23.49 -23.13 -8.06
N PHE A 309 -24.56 -23.50 -7.36
CA PHE A 309 -24.52 -24.52 -6.30
C PHE A 309 -25.45 -25.71 -6.60
N GLY A 310 -25.63 -26.00 -7.89
CA GLY A 310 -26.44 -27.13 -8.37
C GLY A 310 -27.91 -27.14 -7.99
N LEU A 311 -28.49 -25.95 -7.81
CA LEU A 311 -29.91 -25.78 -7.48
C LEU A 311 -30.58 -24.94 -8.58
N THR A 312 -31.90 -24.71 -8.44
CA THR A 312 -32.71 -23.86 -9.31
C THR A 312 -33.55 -23.01 -8.35
N LEU A 313 -34.20 -21.96 -8.91
CA LEU A 313 -35.06 -21.03 -8.15
C LEU A 313 -36.21 -21.71 -7.44
N THR A 314 -36.72 -22.81 -8.01
CA THR A 314 -37.87 -23.57 -7.49
C THR A 314 -37.49 -24.80 -6.66
N SER A 315 -36.19 -25.13 -6.57
CA SER A 315 -35.68 -26.26 -5.77
C SER A 315 -36.13 -26.11 -4.30
N PRO A 316 -36.70 -27.16 -3.67
CA PRO A 316 -37.09 -27.06 -2.25
C PRO A 316 -35.89 -26.84 -1.32
N GLU A 317 -34.73 -27.38 -1.70
CA GLU A 317 -33.47 -27.28 -0.96
C GLU A 317 -32.93 -25.82 -0.98
N TYR A 318 -33.51 -24.93 -1.82
CA TYR A 318 -33.11 -23.53 -1.92
C TYR A 318 -33.91 -22.68 -0.90
N ASP A 319 -34.86 -23.33 -0.19
CA ASP A 319 -35.62 -22.67 0.86
C ASP A 319 -34.82 -22.74 2.18
N PHE A 320 -33.88 -21.79 2.36
CA PHE A 320 -33.01 -21.76 3.54
C PHE A 320 -33.76 -21.27 4.81
N ASN A 321 -35.08 -20.98 4.67
CA ASN A 321 -35.94 -20.62 5.79
C ASN A 321 -36.22 -21.87 6.64
N LYS A 322 -35.97 -23.06 6.07
CA LYS A 322 -36.09 -24.38 6.71
C LYS A 322 -34.65 -24.75 7.09
N LEU A 323 -34.42 -24.97 8.40
CA LEU A 323 -33.11 -25.31 8.99
C LEU A 323 -32.47 -26.55 8.35
N GLU A 324 -33.29 -27.56 7.96
CA GLU A 324 -32.81 -28.78 7.32
C GLU A 324 -32.12 -28.50 5.97
N ASN A 325 -32.56 -27.44 5.27
CA ASN A 325 -31.99 -27.00 3.99
C ASN A 325 -30.64 -26.32 4.15
N ILE A 326 -30.46 -25.52 5.23
CA ILE A 326 -29.17 -24.91 5.54
C ILE A 326 -28.21 -26.05 5.93
N ASP A 327 -28.69 -27.01 6.77
CA ASP A 327 -27.89 -28.16 7.21
C ASP A 327 -27.41 -29.01 6.04
N ALA A 328 -28.33 -29.35 5.10
CA ALA A 328 -27.98 -30.12 3.91
C ALA A 328 -27.00 -29.36 3.04
N PHE A 329 -27.22 -28.03 2.83
CA PHE A 329 -26.32 -27.19 2.04
C PHE A 329 -24.88 -27.15 2.62
N LYS A 330 -24.76 -26.89 3.95
CA LYS A 330 -23.47 -26.83 4.66
C LYS A 330 -22.74 -28.18 4.58
N SER A 331 -23.46 -29.28 4.79
CA SER A 331 -22.92 -30.63 4.74
C SER A 331 -22.30 -30.96 3.36
N LYS A 332 -23.01 -30.56 2.28
CA LYS A 332 -22.60 -30.76 0.88
C LYS A 332 -21.40 -29.88 0.46
N TRP A 333 -21.38 -28.60 0.89
CA TRP A 333 -20.38 -27.63 0.40
C TRP A 333 -19.22 -27.25 1.34
N GLU A 334 -19.42 -27.26 2.67
CA GLU A 334 -18.34 -26.89 3.60
C GLU A 334 -17.16 -27.82 3.47
N GLY A 335 -15.98 -27.24 3.28
CA GLY A 335 -14.77 -28.03 3.10
C GLY A 335 -14.57 -28.47 1.66
N GLN A 336 -15.49 -28.13 0.76
CA GLN A 336 -15.39 -28.52 -0.65
C GLN A 336 -14.83 -27.41 -1.54
N ALA A 337 -14.33 -27.81 -2.73
CA ALA A 337 -13.84 -26.92 -3.77
C ALA A 337 -14.95 -26.71 -4.80
N LEU A 338 -15.15 -25.47 -5.17
CA LEU A 338 -16.18 -24.99 -6.08
C LEU A 338 -15.42 -24.47 -7.31
N SER A 339 -15.64 -25.09 -8.47
CA SER A 339 -14.93 -24.71 -9.69
C SER A 339 -15.82 -23.95 -10.63
N TYR A 340 -15.28 -22.91 -11.26
CA TYR A 340 -16.07 -22.12 -12.21
C TYR A 340 -15.40 -22.16 -13.58
N PRO A 341 -16.03 -22.79 -14.61
CA PRO A 341 -15.40 -22.82 -15.95
C PRO A 341 -15.37 -21.43 -16.62
N ASN A 342 -16.31 -20.59 -16.23
CA ASN A 342 -16.49 -19.24 -16.74
C ASN A 342 -15.64 -18.22 -15.98
N PHE A 343 -15.50 -17.01 -16.56
CA PHE A 343 -14.88 -15.87 -15.88
C PHE A 343 -15.86 -15.48 -14.76
N ILE A 344 -15.35 -15.10 -13.60
CA ILE A 344 -16.18 -14.83 -12.43
C ILE A 344 -16.18 -13.35 -12.07
N SER A 345 -17.35 -12.70 -12.13
CA SER A 345 -17.50 -11.31 -11.70
C SER A 345 -17.83 -11.26 -10.23
N THR A 346 -17.22 -10.31 -9.52
CA THR A 346 -17.43 -10.09 -8.09
C THR A 346 -17.45 -8.58 -7.81
N SER A 347 -17.86 -8.14 -6.59
CA SER A 347 -17.81 -6.72 -6.18
C SER A 347 -16.82 -6.52 -5.03
N ILE A 348 -16.18 -5.33 -4.94
CA ILE A 348 -15.29 -5.01 -3.80
C ILE A 348 -16.17 -4.72 -2.55
N GLY A 349 -17.48 -4.62 -2.73
CA GLY A 349 -18.42 -4.36 -1.66
C GLY A 349 -19.41 -5.48 -1.47
N SER A 350 -19.89 -5.61 -0.23
CA SER A 350 -20.81 -6.68 0.19
C SER A 350 -22.26 -6.31 0.15
N VAL A 351 -22.56 -5.03 -0.12
CA VAL A 351 -23.95 -4.55 -0.13
C VAL A 351 -24.82 -5.30 -1.15
N ASN A 352 -26.13 -5.35 -0.85
CA ASN A 352 -27.09 -5.90 -1.78
C ASN A 352 -27.28 -4.84 -2.89
N MET A 353 -27.70 -5.28 -4.08
CA MET A 353 -27.88 -4.43 -5.24
C MET A 353 -29.13 -4.90 -5.93
N SER A 354 -29.87 -3.98 -6.57
CA SER A 354 -31.14 -4.29 -7.25
C SER A 354 -31.02 -5.48 -8.19
N ALA A 355 -29.94 -5.55 -8.98
CA ALA A 355 -29.66 -6.62 -9.95
C ALA A 355 -29.65 -8.01 -9.30
N PHE A 356 -29.28 -8.11 -8.00
CA PHE A 356 -29.12 -9.37 -7.28
C PHE A 356 -29.95 -9.46 -6.02
N ALA A 357 -30.99 -8.61 -5.93
CA ALA A 357 -31.92 -8.44 -4.83
C ALA A 357 -32.31 -9.72 -4.12
N LYS A 358 -32.76 -10.72 -4.91
CA LYS A 358 -33.30 -12.01 -4.47
C LYS A 358 -32.28 -13.14 -4.35
N ARG A 359 -31.04 -12.99 -4.86
CA ARG A 359 -30.06 -14.08 -4.77
C ARG A 359 -29.79 -14.40 -3.30
N LYS A 360 -29.92 -15.68 -2.94
CA LYS A 360 -29.81 -16.07 -1.52
C LYS A 360 -28.42 -16.49 -1.08
N ILE A 361 -27.46 -16.57 -2.01
CA ILE A 361 -26.11 -16.99 -1.65
C ILE A 361 -25.11 -15.90 -1.89
N VAL A 362 -24.41 -15.51 -0.84
CA VAL A 362 -23.37 -14.51 -0.89
C VAL A 362 -22.03 -15.24 -0.80
N LEU A 363 -21.30 -15.25 -1.90
CA LEU A 363 -19.99 -15.88 -1.98
C LEU A 363 -18.94 -14.84 -1.58
N ARG A 364 -18.37 -14.99 -0.37
CA ARG A 364 -17.39 -14.08 0.18
C ARG A 364 -16.02 -14.69 -0.09
N ILE A 365 -15.30 -14.12 -1.08
CA ILE A 365 -14.05 -14.68 -1.59
C ILE A 365 -12.82 -13.96 -1.13
N THR A 366 -11.88 -14.70 -0.58
CA THR A 366 -10.60 -14.11 -0.26
C THR A 366 -9.69 -14.46 -1.40
N ILE A 367 -9.17 -13.44 -2.06
CA ILE A 367 -8.25 -13.57 -3.21
C ILE A 367 -6.85 -13.37 -2.65
N PRO A 368 -5.98 -14.39 -2.70
CA PRO A 368 -4.60 -14.16 -2.22
C PRO A 368 -3.86 -13.18 -3.15
N LYS A 369 -2.93 -12.44 -2.58
CA LYS A 369 -2.05 -11.53 -3.31
C LYS A 369 -1.38 -12.31 -4.46
N GLY A 370 -1.29 -11.70 -5.65
CA GLY A 370 -0.65 -12.35 -6.79
C GLY A 370 -1.60 -13.11 -7.69
N SER A 371 -2.89 -13.20 -7.30
CA SER A 371 -3.86 -13.91 -8.12
C SER A 371 -4.20 -13.12 -9.37
N PRO A 372 -4.53 -13.79 -10.49
CA PRO A 372 -5.01 -13.04 -11.66
C PRO A 372 -6.30 -12.32 -11.27
N GLY A 373 -6.53 -11.18 -11.90
CA GLY A 373 -7.72 -10.39 -11.60
C GLY A 373 -7.50 -8.94 -11.96
N ALA A 374 -8.59 -8.18 -12.02
CA ALA A 374 -8.53 -6.77 -12.35
C ALA A 374 -9.77 -6.10 -11.88
N TYR A 375 -9.63 -4.82 -11.50
CA TYR A 375 -10.77 -3.99 -11.15
C TYR A 375 -11.29 -3.37 -12.46
N LEU A 376 -12.24 -4.07 -13.10
CA LEU A 376 -12.84 -3.65 -14.37
C LEU A 376 -13.50 -2.28 -14.30
N SER A 377 -14.06 -1.92 -13.13
CA SER A 377 -14.74 -0.63 -12.93
C SER A 377 -13.82 0.60 -13.03
N ALA A 378 -12.47 0.41 -13.11
CA ALA A 378 -11.54 1.53 -13.30
C ALA A 378 -11.48 1.95 -14.78
N ILE A 379 -12.03 1.11 -15.72
CA ILE A 379 -12.09 1.35 -17.17
C ILE A 379 -13.02 2.54 -17.46
N PRO A 380 -12.55 3.55 -18.26
CA PRO A 380 -13.35 4.78 -18.48
C PRO A 380 -14.76 4.61 -19.07
N GLY A 381 -14.84 4.07 -20.29
CA GLY A 381 -16.10 3.90 -21.03
C GLY A 381 -17.08 2.87 -20.48
N TYR A 382 -16.65 2.08 -19.47
CA TYR A 382 -17.47 1.04 -18.87
C TYR A 382 -18.34 1.54 -17.72
N ALA A 383 -19.65 1.24 -17.80
CA ALA A 383 -20.67 1.61 -16.82
C ALA A 383 -20.63 0.76 -15.54
N GLY A 384 -20.51 -0.56 -15.66
CA GLY A 384 -20.45 -1.51 -14.54
C GLY A 384 -19.68 -1.03 -13.32
N GLU A 385 -20.20 -1.30 -12.11
CA GLU A 385 -19.59 -0.73 -10.91
C GLU A 385 -19.08 -1.74 -9.90
N TYR A 386 -17.95 -1.37 -9.23
CA TYR A 386 -17.28 -2.07 -8.11
C TYR A 386 -16.75 -3.46 -8.49
N GLU A 387 -16.59 -3.71 -9.77
CA GLU A 387 -16.30 -5.02 -10.31
C GLU A 387 -14.83 -5.42 -10.41
N VAL A 388 -14.52 -6.58 -9.80
CA VAL A 388 -13.26 -7.33 -9.90
C VAL A 388 -13.58 -8.60 -10.73
N LEU A 389 -12.94 -8.77 -11.87
CA LEU A 389 -13.15 -9.97 -12.68
C LEU A 389 -12.08 -10.98 -12.32
N LEU A 390 -12.48 -12.24 -12.11
CA LEU A 390 -11.56 -13.33 -11.82
C LEU A 390 -11.49 -14.27 -13.01
N ASN A 391 -10.32 -14.87 -13.18
CA ASN A 391 -10.01 -15.71 -14.32
C ASN A 391 -10.90 -16.93 -14.43
N HIS A 392 -11.19 -17.35 -15.67
CA HIS A 392 -11.97 -18.55 -15.93
C HIS A 392 -11.22 -19.76 -15.37
N GLY A 393 -11.96 -20.74 -14.91
CA GLY A 393 -11.35 -21.95 -14.38
C GLY A 393 -10.94 -21.84 -12.93
N SER A 394 -11.25 -20.73 -12.27
CA SER A 394 -10.92 -20.52 -10.85
C SER A 394 -11.60 -21.54 -9.95
N LYS A 395 -10.89 -22.03 -8.95
CA LYS A 395 -11.42 -22.96 -7.95
C LYS A 395 -11.40 -22.23 -6.62
N PHE A 396 -12.45 -22.46 -5.80
CA PHE A 396 -12.61 -21.78 -4.52
C PHE A 396 -12.81 -22.81 -3.44
N LYS A 397 -11.97 -22.77 -2.40
CA LYS A 397 -12.13 -23.68 -1.28
C LYS A 397 -13.15 -23.06 -0.29
N ILE A 398 -14.27 -23.75 -0.02
CA ILE A 398 -15.30 -23.26 0.92
C ILE A 398 -14.86 -23.66 2.31
N ASN A 399 -14.61 -22.66 3.15
CA ASN A 399 -14.15 -22.87 4.51
C ASN A 399 -15.27 -22.98 5.52
N LYS A 400 -16.28 -22.15 5.38
CA LYS A 400 -17.34 -22.03 6.35
C LYS A 400 -18.52 -21.38 5.69
N ILE A 401 -19.72 -21.82 6.08
CA ILE A 401 -21.00 -21.28 5.61
C ILE A 401 -21.78 -20.76 6.83
N ASP A 402 -22.33 -19.55 6.73
CA ASP A 402 -23.16 -18.96 7.76
C ASP A 402 -24.48 -18.51 7.14
N SER A 403 -25.53 -18.36 7.95
CA SER A 403 -26.81 -17.90 7.47
C SER A 403 -27.15 -16.58 8.13
N TYR A 404 -28.06 -15.81 7.52
CA TYR A 404 -28.54 -14.54 8.04
C TYR A 404 -29.93 -14.23 7.52
N LYS A 405 -30.67 -13.41 8.26
CA LYS A 405 -31.99 -13.01 7.82
C LYS A 405 -31.93 -11.73 7.04
N ASP A 406 -32.49 -11.74 5.83
CA ASP A 406 -32.61 -10.53 5.01
C ASP A 406 -34.11 -10.32 4.92
N GLY A 407 -34.67 -9.68 5.95
CA GLY A 407 -36.10 -9.48 6.08
C GLY A 407 -36.70 -10.80 6.51
N THR A 408 -37.57 -11.37 5.67
CA THR A 408 -38.19 -12.66 5.98
C THR A 408 -37.44 -13.82 5.31
N ILE A 409 -36.43 -13.52 4.46
CA ILE A 409 -35.69 -14.53 3.70
C ILE A 409 -34.33 -14.85 4.33
N THR A 410 -34.07 -16.15 4.58
CA THR A 410 -32.76 -16.57 5.05
C THR A 410 -31.82 -16.67 3.87
N LYS A 411 -30.65 -16.01 3.98
CA LYS A 411 -29.61 -16.04 2.96
C LYS A 411 -28.36 -16.64 3.55
N LEU A 412 -27.46 -17.12 2.70
CA LEU A 412 -26.20 -17.73 3.15
C LEU A 412 -25.03 -16.93 2.76
N ILE A 413 -24.03 -16.92 3.65
CA ILE A 413 -22.71 -16.33 3.39
C ILE A 413 -21.77 -17.51 3.31
N VAL A 414 -21.16 -17.70 2.15
CA VAL A 414 -20.20 -18.78 1.89
C VAL A 414 -18.81 -18.17 1.93
N ASP A 415 -18.06 -18.45 3.00
CA ASP A 415 -16.69 -17.96 3.19
C ASP A 415 -15.73 -18.90 2.41
N ALA A 416 -15.21 -18.40 1.27
CA ALA A 416 -14.34 -19.15 0.38
C ALA A 416 -13.03 -18.45 0.10
N THR A 417 -12.01 -19.25 -0.26
CA THR A 417 -10.69 -18.76 -0.64
C THR A 417 -10.40 -19.17 -2.10
N LEU A 418 -9.93 -18.22 -2.91
CA LEU A 418 -9.50 -18.54 -4.27
C LEU A 418 -8.22 -19.41 -4.12
N ILE A 419 -8.21 -20.58 -4.73
CA ILE A 419 -7.04 -21.42 -4.56
C ILE A 419 -6.13 -21.31 -5.80
N PRO A 420 -4.79 -21.19 -5.62
CA PRO A 420 -3.90 -21.04 -6.78
C PRO A 420 -3.69 -22.34 -7.53
N TYR B 6 1.89 -13.25 -17.20
CA TYR B 6 1.63 -12.43 -18.37
C TYR B 6 2.53 -12.79 -19.54
N LYS B 7 1.93 -13.23 -20.65
CA LYS B 7 2.65 -13.46 -21.89
C LYS B 7 2.81 -12.08 -22.57
N ALA B 8 4.05 -11.58 -22.63
CA ALA B 8 4.33 -10.30 -23.24
C ALA B 8 4.08 -10.36 -24.77
N PRO B 9 3.63 -9.25 -25.42
CA PRO B 9 3.40 -9.31 -26.88
C PRO B 9 4.68 -9.61 -27.69
N ILE B 10 5.84 -9.03 -27.31
CA ILE B 10 7.12 -9.28 -27.96
C ILE B 10 8.13 -9.70 -26.86
N GLU B 11 8.46 -10.99 -26.83
CA GLU B 11 9.36 -11.61 -25.86
C GLU B 11 10.76 -11.00 -25.87
N ARG B 12 11.36 -10.85 -24.67
CA ARG B 12 12.70 -10.33 -24.48
C ARG B 12 13.24 -10.83 -23.18
N PRO B 13 14.56 -10.88 -22.96
CA PRO B 13 15.04 -11.19 -21.62
C PRO B 13 14.97 -9.91 -20.76
N GLU B 14 15.31 -10.00 -19.47
CA GLU B 14 15.38 -8.80 -18.62
C GLU B 14 16.61 -7.95 -18.99
N ASP B 15 17.65 -8.59 -19.49
CA ASP B 15 18.91 -7.96 -19.86
C ASP B 15 19.40 -8.52 -21.21
N PHE B 16 19.57 -7.65 -22.22
CA PHE B 16 20.12 -8.08 -23.51
C PHE B 16 21.64 -8.24 -23.45
N LEU B 17 22.26 -7.80 -22.33
CA LEU B 17 23.71 -7.87 -22.08
C LEU B 17 24.46 -7.19 -23.24
N LYS B 18 25.43 -7.88 -23.86
CA LYS B 18 26.25 -7.34 -24.96
C LYS B 18 25.63 -7.48 -26.34
N ASP B 19 24.47 -8.18 -26.44
CA ASP B 19 23.82 -8.48 -27.72
C ASP B 19 23.06 -7.28 -28.31
N LYS B 20 23.81 -6.38 -29.00
CA LYS B 20 23.29 -5.17 -29.64
C LYS B 20 22.22 -5.48 -30.70
N GLU B 21 22.50 -6.48 -31.57
CA GLU B 21 21.62 -6.88 -32.67
C GLU B 21 20.25 -7.32 -32.19
N LYS B 22 20.21 -8.23 -31.20
CA LYS B 22 18.98 -8.72 -30.60
C LYS B 22 18.22 -7.58 -29.87
N ALA B 23 18.92 -6.70 -29.11
CA ALA B 23 18.31 -5.57 -28.42
C ALA B 23 17.70 -4.58 -29.41
N LYS B 24 18.47 -4.20 -30.46
CA LYS B 24 18.04 -3.26 -31.49
C LYS B 24 16.83 -3.79 -32.27
N GLU B 25 16.83 -5.11 -32.60
CA GLU B 25 15.73 -5.72 -33.33
CA GLU B 25 15.74 -5.75 -33.33
C GLU B 25 14.47 -5.75 -32.48
N TRP B 26 14.58 -6.02 -31.17
CA TRP B 26 13.45 -6.03 -30.25
C TRP B 26 12.92 -4.58 -30.08
N GLU B 27 13.85 -3.62 -29.95
CA GLU B 27 13.58 -2.20 -29.76
C GLU B 27 12.77 -1.63 -30.93
N ARG B 28 13.14 -2.03 -32.20
CA ARG B 28 12.44 -1.59 -33.40
CA ARG B 28 12.46 -1.61 -33.42
C ARG B 28 11.03 -2.19 -33.44
N LYS B 29 10.88 -3.50 -33.14
CA LYS B 29 9.55 -4.16 -33.09
C LYS B 29 8.66 -3.48 -32.02
N GLU B 30 9.25 -3.15 -30.83
CA GLU B 30 8.54 -2.48 -29.76
C GLU B 30 8.11 -1.06 -30.13
N ALA B 31 8.96 -0.32 -30.84
CA ALA B 31 8.70 1.04 -31.28
C ALA B 31 7.48 1.04 -32.20
N GLU B 32 7.43 0.06 -33.10
CA GLU B 32 6.36 -0.13 -34.07
C GLU B 32 5.07 -0.52 -33.37
N ARG B 33 5.15 -1.48 -32.44
CA ARG B 33 4.01 -1.93 -31.64
C ARG B 33 3.40 -0.79 -30.77
N ILE B 34 4.23 -0.01 -30.08
CA ILE B 34 3.77 1.08 -29.20
C ILE B 34 3.19 2.24 -30.01
N GLU B 35 3.79 2.55 -31.18
CA GLU B 35 3.31 3.61 -32.08
C GLU B 35 1.80 3.42 -32.37
N GLN B 36 1.37 2.14 -32.51
CA GLN B 36 -0.01 1.75 -32.77
CA GLN B 36 -0.01 1.72 -32.77
C GLN B 36 -0.94 2.04 -31.59
N LYS B 37 -0.39 2.17 -30.37
CA LYS B 37 -1.12 2.46 -29.12
C LYS B 37 -1.16 3.97 -28.79
N LEU B 38 -0.22 4.76 -29.35
CA LEU B 38 -0.15 6.19 -29.01
C LEU B 38 -1.34 6.97 -29.53
N GLU B 39 -1.79 7.98 -28.75
CA GLU B 39 -2.86 8.90 -29.18
C GLU B 39 -2.17 9.84 -30.15
N ARG B 40 -2.95 10.57 -30.96
CA ARG B 40 -2.31 11.47 -31.90
C ARG B 40 -1.47 12.52 -31.20
N SER B 41 -1.99 13.17 -30.12
CA SER B 41 -1.29 14.20 -29.33
C SER B 41 0.05 13.67 -28.75
N GLU B 42 0.11 12.35 -28.45
CA GLU B 42 1.32 11.69 -27.95
C GLU B 42 2.31 11.46 -29.06
N LYS B 43 1.86 11.08 -30.27
CA LYS B 43 2.72 10.95 -31.46
C LYS B 43 3.27 12.37 -31.78
N GLU B 44 2.42 13.40 -31.68
CA GLU B 44 2.85 14.79 -31.95
C GLU B 44 3.89 15.28 -30.92
N ALA B 45 3.68 14.92 -29.64
CA ALA B 45 4.63 15.26 -28.56
C ALA B 45 5.98 14.56 -28.79
N LEU B 46 5.95 13.32 -29.31
CA LEU B 46 7.14 12.57 -29.64
C LEU B 46 7.90 13.23 -30.82
N GLU B 47 7.18 13.77 -31.84
CA GLU B 47 7.79 14.51 -32.95
C GLU B 47 8.50 15.76 -32.43
N SER B 48 7.86 16.52 -31.50
CA SER B 48 8.46 17.73 -30.91
C SER B 48 9.70 17.39 -30.09
N TYR B 49 9.68 16.23 -29.39
CA TYR B 49 10.82 15.74 -28.62
C TYR B 49 12.04 15.49 -29.51
N LYS B 50 11.87 14.84 -30.66
CA LYS B 50 12.99 14.58 -31.58
C LYS B 50 13.61 15.89 -32.07
N LYS B 51 12.79 16.98 -32.17
CA LYS B 51 13.24 18.29 -32.65
C LYS B 51 13.83 19.16 -31.52
N ASP B 52 13.37 19.00 -30.26
CA ASP B 52 13.83 19.85 -29.17
C ASP B 52 14.12 19.08 -27.86
N SER B 53 14.71 17.88 -27.98
CA SER B 53 14.94 16.98 -26.86
C SER B 53 15.70 17.59 -25.66
N VAL B 54 16.79 18.38 -25.89
CA VAL B 54 17.57 18.96 -24.78
C VAL B 54 16.70 19.91 -23.90
N GLU B 55 15.96 20.86 -24.50
CA GLU B 55 15.10 21.79 -23.77
C GLU B 55 13.91 21.12 -23.13
N ILE B 56 13.29 20.15 -23.84
CA ILE B 56 12.19 19.38 -23.30
C ILE B 56 12.64 18.55 -22.07
N SER B 57 13.83 17.92 -22.14
CA SER B 57 14.36 17.16 -21.01
C SER B 57 14.70 18.06 -19.84
N LYS B 58 15.33 19.22 -20.09
CA LYS B 58 15.69 20.21 -19.05
C LYS B 58 14.40 20.70 -18.36
N TYR B 59 13.34 21.03 -19.15
CA TYR B 59 12.08 21.49 -18.57
C TYR B 59 11.50 20.44 -17.60
N SER B 60 11.54 19.16 -18.01
CA SER B 60 11.01 18.05 -17.24
C SER B 60 11.74 17.81 -15.92
N GLN B 61 12.97 18.33 -15.78
CA GLN B 61 13.73 18.12 -14.55
C GLN B 61 13.26 19.08 -13.43
N THR B 62 12.87 20.31 -13.78
CA THR B 62 12.55 21.28 -12.72
C THR B 62 11.17 21.91 -12.80
N ARG B 63 10.31 21.42 -13.69
CA ARG B 63 8.97 22.01 -13.89
C ARG B 63 8.10 22.07 -12.64
N ASN B 64 8.29 21.10 -11.73
CA ASN B 64 7.48 20.92 -10.53
C ASN B 64 7.86 21.84 -9.35
N TYR B 65 8.88 22.67 -9.48
CA TYR B 65 9.31 23.56 -8.40
C TYR B 65 8.70 24.92 -8.47
N PHE B 66 7.86 25.17 -9.46
CA PHE B 66 7.21 26.48 -9.63
C PHE B 66 5.84 26.52 -8.96
N TYR B 67 5.13 27.66 -8.96
CA TYR B 67 3.78 27.67 -8.41
C TYR B 67 2.88 26.82 -9.31
N ASP B 68 1.83 26.21 -8.76
CA ASP B 68 0.88 25.40 -9.53
C ASP B 68 0.36 26.12 -10.80
N TYR B 69 0.09 27.44 -10.69
CA TYR B 69 -0.40 28.27 -11.79
C TYR B 69 0.69 28.59 -12.80
N GLN B 70 1.99 28.68 -12.35
CA GLN B 70 3.11 28.90 -13.28
C GLN B 70 3.27 27.64 -14.14
N ILE B 71 3.11 26.45 -13.51
CA ILE B 71 3.24 25.14 -14.19
C ILE B 71 2.21 25.07 -15.33
N GLU B 72 0.91 25.26 -15.00
CA GLU B 72 -0.21 25.25 -15.91
C GLU B 72 0.02 26.23 -17.07
N ALA B 73 0.40 27.46 -16.76
CA ALA B 73 0.61 28.52 -17.76
C ALA B 73 1.89 28.38 -18.57
N ASN B 74 2.83 27.47 -18.20
CA ASN B 74 4.08 27.33 -18.95
C ASN B 74 3.81 26.81 -20.36
N SER B 75 4.42 27.45 -21.37
CA SER B 75 4.28 27.04 -22.78
C SER B 75 4.83 25.62 -23.05
N ARG B 76 5.62 25.08 -22.11
CA ARG B 76 6.27 23.78 -22.31
C ARG B 76 5.51 22.66 -21.62
N GLU B 77 4.47 23.04 -20.87
CA GLU B 77 3.76 22.09 -20.02
C GLU B 77 2.91 21.06 -20.76
N LYS B 78 2.22 21.48 -21.84
CA LYS B 78 1.39 20.55 -22.59
C LYS B 78 2.24 19.46 -23.22
N GLU B 79 3.43 19.82 -23.75
CA GLU B 79 4.40 18.91 -24.36
C GLU B 79 4.91 17.95 -23.32
N TYR B 80 5.21 18.49 -22.12
CA TYR B 80 5.66 17.66 -21.02
C TYR B 80 4.59 16.56 -20.70
N LYS B 81 3.33 16.97 -20.52
CA LYS B 81 2.24 16.05 -20.17
C LYS B 81 1.98 14.99 -21.21
N GLU B 82 1.97 15.39 -22.47
CA GLU B 82 1.75 14.49 -23.59
C GLU B 82 2.92 13.49 -23.75
N LEU B 83 4.15 13.93 -23.55
CA LEU B 83 5.28 13.03 -23.65
C LEU B 83 5.33 12.07 -22.44
N ARG B 84 5.02 12.59 -21.26
CA ARG B 84 4.91 11.80 -20.02
C ARG B 84 3.85 10.71 -20.24
N ASN B 85 2.67 11.10 -20.77
CA ASN B 85 1.59 10.17 -21.07
C ASN B 85 2.00 9.12 -22.10
N ALA B 86 2.75 9.52 -23.15
CA ALA B 86 3.21 8.59 -24.19
C ALA B 86 4.08 7.47 -23.57
N ILE B 87 4.98 7.84 -22.64
CA ILE B 87 5.88 6.90 -21.96
C ILE B 87 5.05 5.95 -21.05
N SER B 88 4.03 6.45 -20.36
CA SER B 88 3.13 5.62 -19.52
C SER B 88 2.18 4.68 -20.31
N LYS B 89 2.19 4.74 -21.65
CA LYS B 89 1.44 3.82 -22.53
C LYS B 89 2.21 2.50 -22.62
N ASN B 90 3.48 2.51 -22.16
CA ASN B 90 4.25 1.30 -22.16
C ASN B 90 4.94 1.06 -20.84
N LYS B 91 4.14 0.78 -19.82
CA LYS B 91 4.68 0.37 -18.53
C LYS B 91 5.09 -1.10 -18.75
N ILE B 92 6.36 -1.40 -18.52
CA ILE B 92 6.92 -2.73 -18.79
C ILE B 92 6.32 -3.82 -17.87
N ASP B 93 6.10 -5.02 -18.42
CA ASP B 93 5.50 -6.12 -17.67
C ASP B 93 6.49 -6.85 -16.75
N LYS B 94 7.78 -6.62 -16.94
CA LYS B 94 8.81 -7.27 -16.10
C LYS B 94 10.00 -6.36 -16.10
N PRO B 95 10.95 -6.46 -15.14
CA PRO B 95 12.09 -5.53 -15.17
C PRO B 95 12.90 -5.54 -16.45
N MET B 96 13.63 -4.46 -16.65
CA MET B 96 14.48 -4.26 -17.81
C MET B 96 15.77 -3.61 -17.34
N TYR B 97 16.91 -4.23 -17.65
CA TYR B 97 18.20 -3.61 -17.34
C TYR B 97 18.55 -2.71 -18.49
N VAL B 98 18.93 -1.48 -18.15
CA VAL B 98 19.27 -0.46 -19.13
C VAL B 98 20.70 0.02 -18.95
N TYR B 99 21.23 0.68 -19.97
CA TYR B 99 22.62 1.13 -19.98
C TYR B 99 22.71 2.52 -20.48
N TYR B 100 23.58 3.29 -19.86
CA TYR B 100 23.84 4.65 -20.30
C TYR B 100 25.15 5.15 -19.66
N PHE B 101 25.87 6.00 -20.37
CA PHE B 101 27.09 6.62 -19.87
C PHE B 101 26.70 7.76 -19.02
N GLU B 102 27.43 7.95 -17.94
CA GLU B 102 27.11 9.00 -17.01
C GLU B 102 28.36 9.73 -16.61
N SER B 103 28.19 11.00 -16.26
CA SER B 103 29.28 11.81 -15.75
C SER B 103 29.43 11.47 -14.26
N PRO B 104 30.64 11.18 -13.77
CA PRO B 104 30.80 10.94 -12.32
C PRO B 104 30.33 12.15 -11.47
N GLU B 105 30.33 13.37 -12.05
CA GLU B 105 29.87 14.60 -11.39
C GLU B 105 28.38 14.50 -10.99
N LYS B 106 27.62 13.59 -11.62
CA LYS B 106 26.22 13.30 -11.31
C LYS B 106 26.08 12.74 -9.89
N PHE B 107 27.14 12.13 -9.37
CA PHE B 107 27.13 11.55 -8.03
C PHE B 107 28.00 12.36 -7.08
N ALA B 108 28.30 13.63 -7.44
CA ALA B 108 29.15 14.59 -6.72
C ALA B 108 30.63 14.11 -6.63
N PHE B 109 31.11 13.35 -7.63
CA PHE B 109 32.53 12.95 -7.69
C PHE B 109 33.18 13.98 -8.59
N ASN B 110 34.04 14.83 -8.05
CA ASN B 110 34.57 15.93 -8.85
C ASN B 110 35.97 15.71 -9.43
N LYS B 111 36.62 14.60 -9.12
CA LYS B 111 37.91 14.27 -9.70
C LYS B 111 37.69 13.58 -11.06
N VAL B 112 38.75 13.43 -11.83
CA VAL B 112 38.67 12.74 -13.12
C VAL B 112 38.97 11.27 -12.82
N ILE B 113 38.13 10.34 -13.32
CA ILE B 113 38.31 8.90 -13.14
C ILE B 113 39.52 8.42 -13.99
N ARG B 114 39.57 8.85 -15.25
CA ARG B 114 40.66 8.68 -16.22
C ARG B 114 40.41 9.56 -17.44
N THR B 115 41.49 9.90 -18.17
CA THR B 115 41.35 10.70 -19.38
C THR B 115 40.93 9.78 -20.55
N GLU B 116 40.51 10.36 -21.69
CA GLU B 116 40.18 9.58 -22.88
C GLU B 116 41.43 8.83 -23.38
N ASN B 117 42.61 9.46 -23.40
CA ASN B 117 43.83 8.82 -23.87
C ASN B 117 44.34 7.70 -22.97
N GLN B 118 44.07 7.79 -21.66
CA GLN B 118 44.45 6.75 -20.70
C GLN B 118 43.55 5.54 -20.91
N ASN B 119 44.14 4.35 -20.81
CA ASN B 119 43.42 3.10 -20.93
C ASN B 119 43.01 2.56 -19.56
N GLU B 120 43.83 2.81 -18.54
CA GLU B 120 43.64 2.30 -17.20
C GLU B 120 42.92 3.24 -16.23
N ILE B 121 42.20 2.64 -15.28
CA ILE B 121 41.56 3.34 -14.18
C ILE B 121 42.30 2.79 -12.98
N SER B 122 43.02 3.67 -12.26
CA SER B 122 43.80 3.27 -11.09
C SER B 122 42.86 2.78 -9.98
N LEU B 123 43.34 1.88 -9.13
CA LEU B 123 42.56 1.37 -8.01
C LEU B 123 42.28 2.53 -7.06
N GLU B 124 43.19 3.54 -7.00
CA GLU B 124 43.06 4.76 -6.21
C GLU B 124 41.75 5.49 -6.60
N LYS B 125 41.59 5.82 -7.91
CA LYS B 125 40.39 6.50 -8.42
C LYS B 125 39.13 5.66 -8.26
N PHE B 126 39.23 4.35 -8.58
CA PHE B 126 38.16 3.37 -8.46
C PHE B 126 37.60 3.36 -7.03
N ASN B 127 38.49 3.25 -6.03
CA ASN B 127 38.15 3.25 -4.60
C ASN B 127 37.60 4.58 -4.13
N GLU B 128 38.13 5.70 -4.64
CA GLU B 128 37.64 7.05 -4.30
C GLU B 128 36.23 7.25 -4.82
N PHE B 129 35.93 6.67 -6.00
CA PHE B 129 34.60 6.76 -6.59
C PHE B 129 33.64 5.91 -5.77
N LYS B 130 34.09 4.70 -5.36
CA LYS B 130 33.33 3.77 -4.53
C LYS B 130 32.90 4.43 -3.22
N GLU B 131 33.85 5.13 -2.53
CA GLU B 131 33.57 5.83 -1.27
C GLU B 131 32.52 6.94 -1.43
N THR B 132 32.56 7.69 -2.54
CA THR B 132 31.62 8.78 -2.85
C THR B 132 30.18 8.25 -3.04
N ILE B 133 30.02 7.08 -3.69
CA ILE B 133 28.69 6.59 -4.05
C ILE B 133 28.09 5.58 -3.08
N GLN B 134 28.93 4.91 -2.26
CA GLN B 134 28.46 3.88 -1.34
C GLN B 134 27.46 4.39 -0.29
N ASN B 135 26.39 3.57 -0.07
CA ASN B 135 25.35 3.81 0.95
C ASN B 135 24.57 5.12 0.73
N LYS B 136 24.48 5.58 -0.51
CA LYS B 136 23.76 6.80 -0.84
C LYS B 136 22.66 6.54 -1.86
N LEU B 137 21.57 7.31 -1.76
CA LEU B 137 20.49 7.32 -2.73
C LEU B 137 20.67 8.57 -3.55
N PHE B 138 20.45 8.47 -4.86
CA PHE B 138 20.60 9.61 -5.74
C PHE B 138 19.34 9.75 -6.58
N LYS B 139 18.68 10.91 -6.48
CA LYS B 139 17.50 11.19 -7.30
C LYS B 139 17.86 11.42 -8.75
N GLN B 140 17.13 10.76 -9.65
CA GLN B 140 17.31 10.88 -11.11
C GLN B 140 16.00 11.43 -11.62
N ASP B 141 16.05 12.51 -12.39
CA ASP B 141 14.81 13.11 -12.89
C ASP B 141 14.89 13.59 -14.34
N GLY B 142 13.75 13.53 -15.04
CA GLY B 142 13.65 14.06 -16.39
C GLY B 142 13.71 13.03 -17.48
N PHE B 143 13.22 13.40 -18.67
CA PHE B 143 13.25 12.56 -19.86
C PHE B 143 14.68 12.18 -20.17
N LYS B 144 14.89 10.93 -20.53
CA LYS B 144 16.23 10.45 -20.85
C LYS B 144 16.19 9.31 -21.81
N ASP B 145 17.06 9.36 -22.84
CA ASP B 145 17.24 8.28 -23.80
C ASP B 145 18.28 7.34 -23.17
N ILE B 146 17.99 6.05 -23.21
CA ILE B 146 18.88 5.05 -22.63
C ILE B 146 19.09 3.95 -23.68
N SER B 147 20.05 3.05 -23.42
CA SER B 147 20.32 1.93 -24.33
C SER B 147 19.87 0.64 -23.69
N LEU B 148 19.51 -0.36 -24.51
CA LEU B 148 19.03 -1.66 -24.04
C LEU B 148 20.10 -2.74 -24.02
N TYR B 149 21.35 -2.37 -24.28
CA TYR B 149 22.47 -3.32 -24.33
C TYR B 149 23.74 -2.63 -23.89
N GLU B 150 24.71 -3.43 -23.44
CA GLU B 150 26.03 -3.00 -23.04
C GLU B 150 26.82 -2.52 -24.27
N PRO B 151 27.23 -1.24 -24.28
CA PRO B 151 28.01 -0.73 -25.42
C PRO B 151 29.33 -1.47 -25.62
N GLY B 152 29.71 -1.63 -26.88
CA GLY B 152 30.93 -2.30 -27.30
C GLY B 152 31.83 -1.38 -28.10
N LYS B 153 32.72 -1.95 -28.92
CA LYS B 153 33.70 -1.23 -29.76
C LYS B 153 33.09 -0.18 -30.71
N GLY B 154 32.02 -0.56 -31.42
CA GLY B 154 31.38 0.29 -32.43
C GLY B 154 30.33 1.27 -31.93
N ASP B 155 30.30 1.48 -30.60
CA ASP B 155 29.35 2.34 -29.90
C ASP B 155 30.06 3.55 -29.32
N GLU B 156 29.31 4.67 -29.19
CA GLU B 156 29.83 5.90 -28.58
CA GLU B 156 29.74 5.94 -28.58
C GLU B 156 29.89 5.69 -27.06
N LYS B 157 31.05 5.96 -26.48
CA LYS B 157 31.32 5.75 -25.05
C LYS B 157 31.92 7.07 -24.51
N PRO B 158 31.09 8.09 -24.23
CA PRO B 158 31.62 9.42 -23.91
C PRO B 158 32.28 9.62 -22.54
N THR B 159 32.06 8.69 -21.60
CA THR B 159 32.60 8.85 -20.25
C THR B 159 33.26 7.54 -19.76
N PRO B 160 34.10 7.55 -18.68
CA PRO B 160 34.59 6.27 -18.16
C PRO B 160 33.57 5.56 -17.25
N LEU B 161 32.36 6.11 -17.10
CA LEU B 161 31.34 5.58 -16.20
C LEU B 161 30.10 5.08 -16.95
N LEU B 162 29.84 3.78 -16.83
CA LEU B 162 28.71 3.12 -17.46
C LEU B 162 27.70 2.69 -16.43
N MET B 163 26.47 3.20 -16.56
CA MET B 163 25.39 2.86 -15.63
C MET B 163 24.69 1.62 -16.16
N HIS B 164 24.49 0.62 -15.30
CA HIS B 164 23.77 -0.60 -15.59
C HIS B 164 22.66 -0.62 -14.56
N LEU B 165 21.52 -0.08 -14.94
CA LEU B 165 20.36 0.16 -14.07
C LEU B 165 19.21 -0.80 -14.27
N LYS B 166 18.77 -1.45 -13.20
CA LYS B 166 17.61 -2.33 -13.27
C LYS B 166 16.34 -1.49 -13.16
N LEU B 167 15.54 -1.41 -14.24
CA LEU B 167 14.28 -0.66 -14.18
C LEU B 167 13.23 -1.63 -13.71
N PRO B 168 12.47 -1.32 -12.65
CA PRO B 168 11.52 -2.31 -12.14
C PRO B 168 10.30 -2.49 -13.04
N ARG B 169 9.57 -3.56 -12.78
CA ARG B 169 8.31 -3.87 -13.43
C ARG B 169 7.45 -2.55 -13.35
N ASN B 170 6.64 -2.24 -14.41
CA ASN B 170 5.72 -1.11 -14.52
C ASN B 170 6.42 0.25 -14.77
N THR B 171 7.74 0.28 -15.01
CA THR B 171 8.41 1.50 -15.43
C THR B 171 7.96 1.77 -16.88
N GLY B 172 7.59 3.01 -17.17
CA GLY B 172 7.26 3.38 -18.53
C GLY B 172 8.53 3.44 -19.37
N MET B 173 8.49 2.86 -20.57
CA MET B 173 9.61 2.86 -21.48
C MET B 173 9.05 3.11 -22.84
N LEU B 174 9.58 4.10 -23.53
CA LEU B 174 9.08 4.42 -24.86
C LEU B 174 10.11 4.20 -25.97
N PRO B 175 10.14 2.99 -26.55
CA PRO B 175 11.00 2.76 -27.73
C PRO B 175 10.37 3.54 -28.88
N TYR B 176 11.20 4.25 -29.64
CA TYR B 176 10.70 5.06 -30.76
C TYR B 176 11.74 5.15 -31.85
N THR B 177 11.28 5.34 -33.08
CA THR B 177 12.17 5.53 -34.21
C THR B 177 12.44 7.01 -34.39
N ASN B 178 13.64 7.35 -34.82
CA ASN B 178 14.06 8.73 -35.07
C ASN B 178 14.84 8.64 -36.35
N THR B 179 14.12 8.81 -37.50
CA THR B 179 14.64 8.73 -38.89
C THR B 179 15.10 7.28 -39.18
N ASN B 180 16.41 7.00 -39.21
CA ASN B 180 16.95 5.65 -39.44
C ASN B 180 17.39 4.94 -38.14
N ASN B 181 17.26 5.63 -37.00
CA ASN B 181 17.67 5.08 -35.71
C ASN B 181 16.51 4.77 -34.81
N VAL B 182 16.77 3.97 -33.77
CA VAL B 182 15.79 3.62 -32.76
C VAL B 182 16.39 3.93 -31.39
N SER B 183 15.57 4.49 -30.50
CA SER B 183 16.00 4.79 -29.13
C SER B 183 14.86 4.49 -28.16
N THR B 184 15.16 4.54 -26.86
CA THR B 184 14.17 4.33 -25.81
C THR B 184 14.18 5.49 -24.86
N LEU B 185 13.00 6.05 -24.65
CA LEU B 185 12.82 7.15 -23.76
C LEU B 185 12.21 6.70 -22.46
N ILE B 186 12.75 7.21 -21.36
CA ILE B 186 12.19 6.99 -20.03
C ILE B 186 12.00 8.36 -19.36
N GLU B 187 11.16 8.44 -18.34
CA GLU B 187 11.04 9.74 -17.68
C GLU B 187 11.87 9.84 -16.35
N GLN B 188 12.55 8.79 -15.94
CA GLN B 188 13.30 8.73 -14.67
C GLN B 188 12.31 9.02 -13.50
N GLY B 189 12.64 9.85 -12.54
CA GLY B 189 11.76 10.16 -11.41
C GLY B 189 11.82 9.13 -10.31
N TYR B 190 13.02 8.78 -9.87
CA TYR B 190 13.25 7.78 -8.81
C TYR B 190 14.60 8.01 -8.17
N SER B 191 14.81 7.33 -7.07
CA SER B 191 16.08 7.29 -6.37
C SER B 191 16.78 6.06 -6.91
N ILE B 192 18.10 6.15 -7.06
CA ILE B 192 18.91 5.00 -7.40
C ILE B 192 19.94 4.80 -6.30
N LYS B 193 20.40 3.58 -6.16
CA LYS B 193 21.46 3.18 -5.27
C LYS B 193 22.45 2.45 -6.16
N ILE B 194 23.74 2.77 -6.04
CA ILE B 194 24.78 2.07 -6.76
C ILE B 194 25.24 1.01 -5.79
N ASP B 195 24.81 -0.24 -6.03
CA ASP B 195 25.07 -1.40 -5.16
C ASP B 195 26.50 -1.85 -5.27
N LYS B 196 27.04 -1.81 -6.50
CA LYS B 196 28.35 -2.35 -6.80
C LYS B 196 28.92 -1.66 -8.02
N ILE B 197 30.24 -1.48 -8.02
CA ILE B 197 31.01 -1.00 -9.13
C ILE B 197 32.04 -2.05 -9.49
N VAL B 198 32.27 -2.24 -10.78
CA VAL B 198 33.30 -3.17 -11.28
C VAL B 198 34.03 -2.49 -12.42
N ARG B 199 35.32 -2.77 -12.54
CA ARG B 199 36.11 -2.22 -13.62
C ARG B 199 35.97 -3.19 -14.79
N ILE B 200 35.49 -2.71 -15.91
CA ILE B 200 35.33 -3.55 -17.10
C ILE B 200 36.23 -3.04 -18.19
N VAL B 201 36.46 -3.85 -19.20
CA VAL B 201 37.28 -3.46 -20.34
C VAL B 201 36.38 -3.41 -21.56
N ILE B 202 36.44 -2.30 -22.30
CA ILE B 202 35.76 -2.13 -23.59
C ILE B 202 36.79 -1.58 -24.55
N ASP B 203 37.09 -2.35 -25.62
CA ASP B 203 38.04 -1.98 -26.67
C ASP B 203 39.38 -1.45 -26.10
N GLY B 204 39.99 -2.24 -25.21
CA GLY B 204 41.25 -1.91 -24.57
C GLY B 204 41.26 -0.72 -23.61
N LYS B 205 40.09 -0.31 -23.08
CA LYS B 205 39.97 0.79 -22.10
C LYS B 205 39.18 0.36 -20.90
N HIS B 206 39.59 0.81 -19.69
CA HIS B 206 38.84 0.51 -18.47
C HIS B 206 37.69 1.48 -18.37
N TYR B 207 36.53 0.98 -17.93
CA TYR B 207 35.33 1.73 -17.63
C TYR B 207 34.85 1.23 -16.30
N ILE B 208 34.19 2.09 -15.54
CA ILE B 208 33.56 1.67 -14.29
C ILE B 208 32.14 1.34 -14.68
N LYS B 209 31.71 0.12 -14.42
CA LYS B 209 30.35 -0.30 -14.67
C LYS B 209 29.67 -0.24 -13.31
N ALA B 210 28.68 0.64 -13.19
CA ALA B 210 27.97 0.84 -11.93
C ALA B 210 26.64 0.08 -11.96
N GLU B 211 26.55 -0.96 -11.11
CA GLU B 211 25.35 -1.79 -10.92
C GLU B 211 24.42 -0.99 -10.03
N ALA B 212 23.41 -0.40 -10.63
CA ALA B 212 22.48 0.43 -9.89
C ALA B 212 21.10 -0.16 -9.88
N SER B 213 20.36 0.13 -8.84
CA SER B 213 18.99 -0.31 -8.73
C SER B 213 18.12 0.87 -8.33
N VAL B 214 16.86 0.81 -8.69
CA VAL B 214 15.87 1.79 -8.28
C VAL B 214 15.40 1.42 -6.86
N VAL B 215 15.47 2.39 -5.95
CA VAL B 215 14.96 2.21 -4.58
C VAL B 215 13.64 2.96 -4.62
N SER B 216 12.53 2.21 -4.60
CA SER B 216 11.20 2.80 -4.76
C SER B 216 10.82 3.76 -3.64
N SER B 217 10.12 4.83 -4.00
CA SER B 217 9.65 5.83 -3.08
C SER B 217 8.48 6.55 -3.67
N LEU B 218 7.68 7.15 -2.82
CA LEU B 218 6.59 7.99 -3.27
C LEU B 218 7.18 9.37 -3.43
N ASP B 219 6.90 9.99 -4.55
CA ASP B 219 7.38 11.33 -4.83
C ASP B 219 6.27 11.96 -5.64
N PHE B 220 5.46 12.77 -4.97
CA PHE B 220 4.30 13.38 -5.62
C PHE B 220 4.63 14.57 -6.47
N LYS B 221 5.83 15.16 -6.24
CA LYS B 221 6.27 16.34 -7.00
C LYS B 221 5.19 17.44 -6.93
N ASP B 222 4.72 17.96 -8.06
CA ASP B 222 3.71 19.02 -8.03
C ASP B 222 2.29 18.52 -7.75
N ASP B 223 2.09 17.20 -7.70
CA ASP B 223 0.75 16.66 -7.49
C ASP B 223 0.41 16.57 -5.99
N VAL B 224 0.18 17.73 -5.38
CA VAL B 224 -0.17 17.89 -3.96
C VAL B 224 -1.51 17.24 -3.61
N SER B 225 -2.46 17.13 -4.59
CA SER B 225 -3.77 16.48 -4.42
C SER B 225 -3.58 14.98 -4.19
N LYS B 226 -2.78 14.35 -5.03
CA LYS B 226 -2.47 12.93 -4.89
C LYS B 226 -1.70 12.71 -3.58
N GLY B 227 -0.77 13.61 -3.27
CA GLY B 227 0.02 13.56 -2.04
C GLY B 227 -0.84 13.65 -0.80
N ASP B 228 -1.80 14.59 -0.83
CA ASP B 228 -2.79 14.84 0.23
C ASP B 228 -3.70 13.60 0.42
N SER B 229 -4.14 12.94 -0.67
CA SER B 229 -4.97 11.73 -0.57
CA SER B 229 -4.97 11.73 -0.57
C SER B 229 -4.17 10.61 0.10
N TRP B 230 -2.88 10.49 -0.25
CA TRP B 230 -2.03 9.47 0.37
C TRP B 230 -1.89 9.77 1.87
N GLY B 231 -1.56 11.02 2.20
CA GLY B 231 -1.38 11.46 3.58
C GLY B 231 -2.59 11.22 4.44
N LYS B 232 -3.77 11.57 3.90
CA LYS B 232 -5.06 11.36 4.56
C LYS B 232 -5.42 9.87 4.67
N ALA B 233 -5.10 9.05 3.64
CA ALA B 233 -5.36 7.61 3.73
C ALA B 233 -4.55 6.99 4.89
N ASN B 234 -3.34 7.49 5.13
CA ASN B 234 -2.47 6.95 6.15
C ASN B 234 -2.52 7.64 7.52
N TYR B 235 -3.00 8.89 7.59
CA TYR B 235 -2.98 9.64 8.84
C TYR B 235 -4.31 10.22 9.28
N ASN B 236 -5.44 9.89 8.61
CA ASN B 236 -6.76 10.38 9.04
CA ASN B 236 -6.78 10.35 9.02
C ASN B 236 -7.08 9.90 10.45
N ASP B 237 -6.61 8.68 10.83
CA ASP B 237 -6.88 8.08 12.13
C ASP B 237 -5.71 8.28 13.12
N TRP B 238 -4.70 9.10 12.75
CA TRP B 238 -3.51 9.34 13.57
C TRP B 238 -3.79 10.08 14.88
N SER B 239 -4.57 11.18 14.84
CA SER B 239 -4.87 11.93 16.06
C SER B 239 -5.54 11.05 17.14
N ASN B 240 -6.34 10.06 16.73
CA ASN B 240 -7.01 9.17 17.69
C ASN B 240 -6.07 8.11 18.26
N LYS B 241 -4.85 7.95 17.70
CA LYS B 241 -3.84 7.01 18.20
C LYS B 241 -3.04 7.63 19.30
N LEU B 242 -3.16 8.94 19.45
CA LEU B 242 -2.45 9.72 20.47
C LEU B 242 -3.18 9.78 21.80
N THR B 243 -2.44 10.05 22.88
CA THR B 243 -3.03 10.27 24.19
C THR B 243 -3.62 11.69 24.09
N PRO B 244 -4.64 12.06 24.92
CA PRO B 244 -5.13 13.45 24.89
C PRO B 244 -4.02 14.52 25.05
N ASN B 245 -2.98 14.24 25.85
CA ASN B 245 -1.86 15.18 26.08
C ASN B 245 -0.96 15.34 24.88
N GLU B 246 -0.66 14.22 24.19
CA GLU B 246 0.12 14.22 22.96
C GLU B 246 -0.62 15.00 21.90
N LEU B 247 -1.93 14.74 21.76
CA LEU B 247 -2.75 15.46 20.77
C LEU B 247 -2.85 16.97 21.11
N ALA B 248 -3.08 17.33 22.39
CA ALA B 248 -3.14 18.74 22.79
C ALA B 248 -1.80 19.46 22.46
N ASP B 249 -0.63 18.81 22.73
CA ASP B 249 0.69 19.37 22.39
C ASP B 249 0.94 19.45 20.88
N VAL B 250 0.48 18.46 20.11
CA VAL B 250 0.60 18.48 18.64
C VAL B 250 -0.27 19.68 18.14
N ASN B 251 -1.52 19.80 18.61
CA ASN B 251 -2.40 20.92 18.22
C ASN B 251 -1.82 22.27 18.61
N ASP B 252 -1.28 22.39 19.85
CA ASP B 252 -0.68 23.63 20.34
C ASP B 252 0.49 24.04 19.44
N TYR B 253 1.33 23.05 19.04
CA TYR B 253 2.46 23.24 18.13
C TYR B 253 1.95 23.78 16.81
N MET B 254 0.97 23.07 16.23
CA MET B 254 0.42 23.45 14.92
C MET B 254 -0.25 24.82 14.93
N ARG B 255 -0.95 25.16 16.03
CA ARG B 255 -1.66 26.44 16.14
C ARG B 255 -0.74 27.60 16.54
N GLY B 256 0.55 27.55 16.21
CA GLY B 256 1.47 28.64 16.54
C GLY B 256 2.53 28.38 17.59
N GLY B 257 2.38 27.30 18.36
CA GLY B 257 3.33 26.93 19.39
C GLY B 257 4.70 26.54 18.87
N TYR B 258 4.84 26.28 17.52
CA TYR B 258 6.10 25.86 16.86
C TYR B 258 7.22 26.91 17.03
N THR B 259 6.84 28.19 17.11
CA THR B 259 7.84 29.28 17.23
C THR B 259 8.61 29.16 18.55
N ALA B 260 7.90 29.17 19.70
CA ALA B 260 8.54 29.01 21.01
C ALA B 260 9.30 27.66 21.10
N ILE B 261 8.70 26.55 20.63
CA ILE B 261 9.31 25.19 20.64
C ILE B 261 10.61 25.13 19.82
N ASN B 262 10.56 25.58 18.55
CA ASN B 262 11.72 25.49 17.67
C ASN B 262 12.83 26.47 17.99
N ASN B 263 12.48 27.69 18.45
CA ASN B 263 13.49 28.68 18.85
C ASN B 263 14.21 28.20 20.08
N TYR B 264 13.48 27.58 21.00
CA TYR B 264 13.99 26.99 22.22
C TYR B 264 14.99 25.85 21.89
N LEU B 265 14.67 24.99 20.89
CA LEU B 265 15.56 23.88 20.51
C LEU B 265 16.81 24.36 19.76
N ILE B 266 16.63 25.34 18.86
CA ILE B 266 17.72 25.92 18.07
C ILE B 266 18.71 26.69 18.95
N SER B 267 18.20 27.50 19.91
CA SER B 267 19.03 28.28 20.81
C SER B 267 19.64 27.47 21.97
N ASN B 268 19.40 26.15 22.04
CA ASN B 268 19.89 25.24 23.09
C ASN B 268 19.31 25.55 24.42
N GLY B 269 18.07 26.03 24.38
CA GLY B 269 17.28 26.35 25.56
C GLY B 269 17.23 25.21 26.56
N PRO B 270 17.16 23.91 26.16
CA PRO B 270 17.16 22.84 27.17
C PRO B 270 18.33 22.88 28.15
N VAL B 271 19.51 23.39 27.74
CA VAL B 271 20.66 23.56 28.65
C VAL B 271 20.92 25.02 29.05
N ASN B 272 20.63 25.98 28.15
CA ASN B 272 20.89 27.42 28.37
C ASN B 272 19.88 28.10 29.26
N ASN B 273 18.60 27.73 29.13
CA ASN B 273 17.48 28.30 29.87
C ASN B 273 16.34 27.24 29.91
N PRO B 274 16.51 26.12 30.66
CA PRO B 274 15.50 25.04 30.60
C PRO B 274 14.08 25.46 30.95
N ASN B 275 13.13 25.01 30.13
CA ASN B 275 11.71 25.30 30.29
C ASN B 275 11.00 23.95 30.40
N PRO B 276 10.62 23.50 31.61
CA PRO B 276 9.98 22.17 31.76
C PRO B 276 8.68 22.02 30.98
N GLU B 277 7.92 23.10 30.81
CA GLU B 277 6.66 23.09 30.04
C GLU B 277 6.93 22.79 28.57
N LEU B 278 7.92 23.47 27.94
CA LEU B 278 8.37 23.20 26.57
C LEU B 278 8.98 21.82 26.41
N ASP B 279 9.83 21.36 27.39
CA ASP B 279 10.44 20.01 27.32
C ASP B 279 9.34 18.94 27.28
N SER B 280 8.26 19.11 28.10
CA SER B 280 7.13 18.16 28.12
C SER B 280 6.40 18.15 26.75
N LYS B 281 6.24 19.33 26.14
CA LYS B 281 5.63 19.49 24.81
C LYS B 281 6.48 18.78 23.75
N ILE B 282 7.81 18.94 23.81
CA ILE B 282 8.74 18.33 22.87
C ILE B 282 8.70 16.82 23.01
N THR B 283 8.70 16.33 24.27
CA THR B 283 8.64 14.90 24.53
C THR B 283 7.38 14.31 23.90
N ASN B 284 6.20 14.91 24.15
CA ASN B 284 4.91 14.43 23.63
C ASN B 284 4.79 14.46 22.11
N ILE B 285 5.30 15.53 21.46
CA ILE B 285 5.28 15.65 20.00
C ILE B 285 6.18 14.59 19.41
N GLU B 286 7.37 14.40 20.00
CA GLU B 286 8.28 13.36 19.54
C GLU B 286 7.61 11.97 19.62
N ASN B 287 6.97 11.67 20.77
CA ASN B 287 6.30 10.38 20.92
C ASN B 287 5.17 10.19 19.90
N ALA B 288 4.39 11.27 19.63
CA ALA B 288 3.32 11.28 18.64
C ALA B 288 3.87 10.94 17.25
N LEU B 289 5.07 11.45 16.89
CA LEU B 289 5.70 11.19 15.59
C LEU B 289 6.22 9.78 15.47
N LYS B 290 6.42 9.09 16.61
CA LYS B 290 6.89 7.73 16.61
C LYS B 290 5.75 6.72 16.58
N ARG B 291 4.49 7.20 16.77
CA ARG B 291 3.30 6.36 16.82
C ARG B 291 2.99 5.66 15.49
N GLU B 292 3.00 6.40 14.41
CA GLU B 292 2.76 5.80 13.09
C GLU B 292 3.87 6.23 12.15
N PRO B 293 5.00 5.50 12.18
CA PRO B 293 6.16 5.88 11.34
C PRO B 293 5.83 5.94 9.87
N ILE B 294 6.51 6.79 9.11
CA ILE B 294 6.29 6.91 7.66
C ILE B 294 6.27 5.49 7.05
N PRO B 295 5.14 5.06 6.44
CA PRO B 295 5.00 3.63 6.13
C PRO B 295 5.68 3.16 4.85
N THR B 296 6.25 4.07 4.08
CA THR B 296 6.90 3.73 2.79
C THR B 296 7.97 4.79 2.54
N ASN B 297 8.97 4.49 1.72
CA ASN B 297 9.95 5.52 1.35
C ASN B 297 9.17 6.69 0.75
N LEU B 298 9.40 7.88 1.27
CA LEU B 298 8.62 9.05 0.89
C LEU B 298 9.51 10.24 0.67
N THR B 299 9.30 10.95 -0.43
CA THR B 299 10.06 12.16 -0.74
C THR B 299 9.21 13.35 -0.34
N VAL B 300 9.81 14.26 0.42
CA VAL B 300 9.12 15.49 0.84
C VAL B 300 10.00 16.69 0.45
N TYR B 301 9.40 17.89 0.49
CA TYR B 301 10.06 19.10 0.08
C TYR B 301 10.00 20.16 1.13
N ARG B 302 11.15 20.79 1.40
CA ARG B 302 11.16 21.89 2.32
C ARG B 302 11.79 23.10 1.63
N ARG B 303 11.14 24.26 1.74
CA ARG B 303 11.68 25.51 1.24
C ARG B 303 12.44 26.06 2.40
N SER B 304 13.77 26.04 2.29
CA SER B 304 14.65 26.46 3.38
C SER B 304 15.09 27.89 3.26
N GLY B 305 15.16 28.54 4.41
CA GLY B 305 15.68 29.89 4.53
C GLY B 305 17.20 29.81 4.59
N PRO B 306 17.91 30.93 4.39
CA PRO B 306 19.38 30.89 4.42
C PRO B 306 20.03 30.41 5.74
N GLN B 307 19.34 30.63 6.89
CA GLN B 307 19.86 30.30 8.23
C GLN B 307 20.03 28.83 8.48
N GLU B 308 19.26 27.99 7.77
CA GLU B 308 19.35 26.54 7.86
C GLU B 308 20.69 26.05 7.28
N PHE B 309 21.33 26.89 6.45
CA PHE B 309 22.61 26.59 5.82
C PHE B 309 23.70 27.62 6.22
N GLY B 310 23.59 28.16 7.42
CA GLY B 310 24.55 29.11 8.00
C GLY B 310 24.78 30.42 7.25
N LEU B 311 23.75 30.88 6.53
CA LEU B 311 23.76 32.14 5.78
C LEU B 311 22.66 33.06 6.31
N THR B 312 22.56 34.27 5.76
CA THR B 312 21.52 35.27 6.06
C THR B 312 21.03 35.76 4.70
N LEU B 313 19.88 36.48 4.69
CA LEU B 313 19.28 37.02 3.48
C LEU B 313 20.20 37.96 2.70
N THR B 314 21.09 38.69 3.43
CA THR B 314 22.00 39.68 2.86
C THR B 314 23.43 39.15 2.62
N SER B 315 23.71 37.89 3.01
CA SER B 315 25.00 37.24 2.78
C SER B 315 25.33 37.25 1.26
N PRO B 316 26.56 37.67 0.86
CA PRO B 316 26.91 37.64 -0.58
C PRO B 316 26.93 36.22 -1.13
N GLU B 317 27.27 35.23 -0.29
CA GLU B 317 27.33 33.80 -0.62
C GLU B 317 25.92 33.22 -0.90
N TYR B 318 24.84 33.97 -0.51
CA TYR B 318 23.45 33.54 -0.74
C TYR B 318 23.01 33.94 -2.19
N ASP B 319 23.86 34.71 -2.91
CA ASP B 319 23.58 35.10 -4.30
C ASP B 319 24.02 33.97 -5.26
N PHE B 320 23.14 32.99 -5.46
CA PHE B 320 23.43 31.83 -6.33
C PHE B 320 23.38 32.18 -7.83
N ASN B 321 23.12 33.45 -8.16
CA ASN B 321 23.19 33.96 -9.54
C ASN B 321 24.66 34.06 -9.97
N LYS B 322 25.59 34.02 -9.00
CA LYS B 322 27.05 34.00 -9.21
C LYS B 322 27.45 32.53 -9.03
N LEU B 323 28.05 31.93 -10.07
CA LEU B 323 28.48 30.53 -10.10
C LEU B 323 29.43 30.16 -8.97
N GLU B 324 30.32 31.10 -8.56
CA GLU B 324 31.27 30.88 -7.47
C GLU B 324 30.58 30.62 -6.13
N ASN B 325 29.37 31.18 -5.94
CA ASN B 325 28.54 30.98 -4.74
C ASN B 325 27.90 29.60 -4.71
N ILE B 326 27.54 29.07 -5.89
CA ILE B 326 26.95 27.74 -5.99
C ILE B 326 28.10 26.76 -5.68
N ASP B 327 29.27 27.01 -6.31
CA ASP B 327 30.47 26.19 -6.12
C ASP B 327 30.90 26.13 -4.66
N ALA B 328 30.95 27.28 -3.96
CA ALA B 328 31.30 27.33 -2.53
C ALA B 328 30.24 26.58 -1.70
N PHE B 329 28.94 26.78 -2.01
CA PHE B 329 27.83 26.08 -1.33
C PHE B 329 27.94 24.54 -1.49
N LYS B 330 28.17 24.06 -2.75
CA LYS B 330 28.31 22.62 -3.06
C LYS B 330 29.50 22.00 -2.29
N SER B 331 30.63 22.68 -2.33
CA SER B 331 31.87 22.26 -1.69
C SER B 331 31.67 22.06 -0.17
N LYS B 332 30.99 23.02 0.48
CA LYS B 332 30.67 22.99 1.90
C LYS B 332 29.63 21.92 2.29
N TRP B 333 28.56 21.72 1.49
CA TRP B 333 27.44 20.86 1.88
C TRP B 333 27.31 19.49 1.20
N GLU B 334 27.75 19.31 -0.07
CA GLU B 334 27.61 18.00 -0.74
C GLU B 334 28.40 16.94 0.00
N GLY B 335 27.73 15.84 0.29
CA GLY B 335 28.34 14.74 1.02
C GLY B 335 28.32 14.96 2.53
N GLN B 336 27.77 16.09 3.00
CA GLN B 336 27.72 16.39 4.43
C GLN B 336 26.36 16.08 5.06
N ALA B 337 26.35 15.95 6.40
CA ALA B 337 25.18 15.75 7.23
C ALA B 337 24.73 17.11 7.78
N LEU B 338 23.45 17.36 7.69
CA LEU B 338 22.78 18.59 8.10
C LEU B 338 21.89 18.19 9.27
N SER B 339 22.15 18.75 10.46
CA SER B 339 21.36 18.41 11.64
C SER B 339 20.38 19.50 12.00
N TYR B 340 19.17 19.14 12.39
CA TYR B 340 18.19 20.14 12.76
C TYR B 340 17.77 19.92 14.23
N PRO B 341 18.07 20.83 15.18
CA PRO B 341 17.63 20.61 16.58
C PRO B 341 16.10 20.75 16.75
N ASN B 342 15.48 21.53 15.84
CA ASN B 342 14.05 21.77 15.81
C ASN B 342 13.30 20.68 15.08
N PHE B 343 11.95 20.65 15.26
CA PHE B 343 11.07 19.80 14.49
C PHE B 343 11.08 20.37 13.06
N ILE B 344 11.06 19.50 12.04
CA ILE B 344 11.21 19.96 10.66
C ILE B 344 9.95 19.76 9.87
N SER B 345 9.36 20.89 9.46
CA SER B 345 8.15 20.88 8.66
CA SER B 345 8.15 20.88 8.66
C SER B 345 8.52 20.79 7.19
N THR B 346 7.82 19.94 6.44
CA THR B 346 8.04 19.73 5.00
C THR B 346 6.65 19.62 4.35
N SER B 347 6.59 19.65 3.01
CA SER B 347 5.31 19.48 2.28
C SER B 347 5.41 18.21 1.43
N ILE B 348 4.27 17.48 1.22
CA ILE B 348 4.23 16.28 0.36
C ILE B 348 4.40 16.62 -1.12
N GLY B 349 4.50 17.90 -1.46
CA GLY B 349 4.65 18.40 -2.82
C GLY B 349 5.75 19.43 -2.94
N SER B 350 6.26 19.65 -4.15
CA SER B 350 7.44 20.47 -4.48
C SER B 350 7.16 21.86 -4.96
N VAL B 351 5.90 22.18 -5.19
CA VAL B 351 5.49 23.49 -5.72
C VAL B 351 5.94 24.64 -4.84
N ASN B 352 6.15 25.81 -5.45
CA ASN B 352 6.44 27.01 -4.71
C ASN B 352 5.12 27.45 -4.06
N MET B 353 5.20 28.19 -2.96
CA MET B 353 4.04 28.65 -2.20
C MET B 353 4.33 30.07 -1.80
N SER B 354 3.31 30.91 -1.70
CA SER B 354 3.43 32.33 -1.37
C SER B 354 4.25 32.55 -0.09
N ALA B 355 4.05 31.70 0.94
CA ALA B 355 4.76 31.79 2.22
C ALA B 355 6.29 31.69 2.06
N PHE B 356 6.77 30.99 1.00
CA PHE B 356 8.18 30.70 0.77
C PHE B 356 8.68 31.15 -0.58
N ALA B 357 7.94 32.09 -1.20
CA ALA B 357 8.13 32.64 -2.53
C ALA B 357 9.59 32.88 -2.92
N LYS B 358 10.34 33.56 -2.03
CA LYS B 358 11.72 34.01 -2.22
C LYS B 358 12.80 33.06 -1.71
N ARG B 359 12.44 32.02 -0.93
CA ARG B 359 13.43 31.06 -0.42
C ARG B 359 14.19 30.41 -1.55
N LYS B 360 15.51 30.50 -1.50
CA LYS B 360 16.39 30.05 -2.59
C LYS B 360 16.83 28.60 -2.52
N ILE B 361 16.52 27.89 -1.42
CA ILE B 361 16.95 26.50 -1.24
C ILE B 361 15.78 25.57 -1.08
N VAL B 362 15.70 24.55 -1.95
CA VAL B 362 14.69 23.54 -1.90
C VAL B 362 15.36 22.28 -1.37
N LEU B 363 14.99 21.88 -0.17
CA LEU B 363 15.52 20.68 0.47
C LEU B 363 14.58 19.52 0.10
N ARG B 364 15.06 18.64 -0.80
CA ARG B 364 14.30 17.50 -1.32
C ARG B 364 14.73 16.29 -0.48
N ILE B 365 13.86 15.86 0.45
CA ILE B 365 14.19 14.83 1.43
C ILE B 365 13.58 13.49 1.16
N THR B 366 14.40 12.46 1.16
CA THR B 366 13.88 11.12 1.04
C THR B 366 13.85 10.57 2.43
N ILE B 367 12.65 10.24 2.88
CA ILE B 367 12.39 9.68 4.22
C ILE B 367 12.32 8.17 4.06
N PRO B 368 13.24 7.41 4.67
CA PRO B 368 13.12 5.95 4.56
C PRO B 368 11.88 5.45 5.31
N LYS B 369 11.29 4.37 4.83
CA LYS B 369 10.19 3.68 5.50
C LYS B 369 10.58 3.41 6.97
N GLY B 370 9.66 3.64 7.91
CA GLY B 370 9.94 3.38 9.33
C GLY B 370 10.44 4.57 10.10
N SER B 371 10.69 5.69 9.41
CA SER B 371 11.15 6.91 10.08
C SER B 371 10.04 7.55 10.90
N PRO B 372 10.37 8.22 12.03
CA PRO B 372 9.31 8.96 12.76
C PRO B 372 8.79 10.07 11.82
N GLY B 373 7.53 10.43 11.97
CA GLY B 373 6.92 11.42 11.11
C GLY B 373 5.42 11.25 11.05
N ALA B 374 4.73 12.28 10.54
CA ALA B 374 3.28 12.24 10.43
C ALA B 374 2.85 13.24 9.42
N TYR B 375 1.77 12.94 8.73
CA TYR B 375 1.12 13.88 7.84
C TYR B 375 0.13 14.67 8.72
N LEU B 376 0.48 15.92 9.04
CA LEU B 376 -0.29 16.80 9.93
C LEU B 376 -1.53 17.42 9.30
N SER B 377 -1.63 17.46 7.95
CA SER B 377 -2.83 18.09 7.35
C SER B 377 -4.10 17.29 7.58
N ALA B 378 -3.98 16.03 8.03
CA ALA B 378 -5.12 15.16 8.29
C ALA B 378 -5.88 15.65 9.54
N ILE B 379 -5.19 16.40 10.42
CA ILE B 379 -5.76 17.00 11.63
C ILE B 379 -6.74 18.16 11.28
N PRO B 380 -7.92 18.31 11.92
CA PRO B 380 -8.82 19.44 11.58
C PRO B 380 -8.16 20.83 11.70
N GLY B 381 -8.53 21.70 10.77
CA GLY B 381 -8.04 23.08 10.74
C GLY B 381 -7.33 23.42 9.44
N TYR B 382 -6.64 24.58 9.40
CA TYR B 382 -5.96 25.05 8.18
C TYR B 382 -4.43 25.14 8.29
N ALA B 383 -3.88 24.85 9.48
CA ALA B 383 -2.43 24.85 9.70
C ALA B 383 -1.87 23.55 9.12
N GLY B 384 -0.60 23.58 8.74
CA GLY B 384 0.05 22.38 8.24
C GLY B 384 -0.53 21.82 6.96
N GLU B 385 -0.92 22.71 5.99
CA GLU B 385 -1.37 22.28 4.67
C GLU B 385 -0.24 21.51 4.01
N TYR B 386 -0.51 20.24 3.55
CA TYR B 386 0.42 19.33 2.88
C TYR B 386 1.60 18.93 3.77
N GLU B 387 1.50 19.17 5.06
CA GLU B 387 2.63 18.99 5.95
C GLU B 387 2.93 17.61 6.45
N VAL B 388 4.20 17.23 6.28
CA VAL B 388 4.77 16.08 6.92
C VAL B 388 5.72 16.70 7.98
N LEU B 389 5.52 16.40 9.28
CA LEU B 389 6.42 16.89 10.32
C LEU B 389 7.43 15.84 10.64
N LEU B 390 8.71 16.23 10.69
CA LEU B 390 9.79 15.30 11.04
C LEU B 390 10.31 15.64 12.42
N ASN B 391 10.77 14.59 13.13
CA ASN B 391 11.20 14.68 14.50
C ASN B 391 12.35 15.64 14.71
N HIS B 392 12.37 16.32 15.86
CA HIS B 392 13.47 17.20 16.25
C HIS B 392 14.74 16.38 16.35
N GLY B 393 15.87 16.99 16.01
CA GLY B 393 17.15 16.31 16.08
C GLY B 393 17.47 15.46 14.88
N SER B 394 16.60 15.48 13.85
CA SER B 394 16.84 14.71 12.59
C SER B 394 18.11 15.18 11.87
N LYS B 395 18.82 14.23 11.28
CA LYS B 395 20.02 14.50 10.51
C LYS B 395 19.74 14.08 9.07
N PHE B 396 20.24 14.87 8.12
CA PHE B 396 20.00 14.64 6.69
C PHE B 396 21.31 14.56 5.95
N LYS B 397 21.53 13.48 5.22
CA LYS B 397 22.75 13.32 4.43
C LYS B 397 22.50 14.00 3.07
N ILE B 398 23.31 15.01 2.71
CA ILE B 398 23.19 15.71 1.43
C ILE B 398 23.95 14.92 0.40
N ASN B 399 23.24 14.40 -0.60
CA ASN B 399 23.85 13.55 -1.64
C ASN B 399 24.32 14.34 -2.85
N LYS B 400 23.51 15.31 -3.26
CA LYS B 400 23.77 16.04 -4.48
C LYS B 400 23.03 17.35 -4.39
N ILE B 401 23.61 18.39 -4.99
CA ILE B 401 23.01 19.72 -5.07
C ILE B 401 22.92 20.08 -6.55
N ASP B 402 21.76 20.59 -6.98
CA ASP B 402 21.54 21.07 -8.35
C ASP B 402 20.99 22.48 -8.30
N SER B 403 21.14 23.24 -9.38
CA SER B 403 20.61 24.60 -9.44
C SER B 403 19.55 24.67 -10.52
N TYR B 404 18.69 25.70 -10.45
CA TYR B 404 17.66 25.95 -11.46
C TYR B 404 17.30 27.42 -11.45
N LYS B 405 16.77 27.89 -12.56
CA LYS B 405 16.34 29.27 -12.68
C LYS B 405 14.87 29.38 -12.33
N ASP B 406 14.53 30.27 -11.40
CA ASP B 406 13.14 30.57 -11.08
C ASP B 406 12.99 32.03 -11.48
N GLY B 407 12.74 32.23 -12.77
CA GLY B 407 12.67 33.56 -13.38
C GLY B 407 14.10 34.05 -13.51
N THR B 408 14.43 35.15 -12.81
CA THR B 408 15.80 35.68 -12.87
C THR B 408 16.65 35.20 -11.68
N ILE B 409 16.05 34.47 -10.74
CA ILE B 409 16.72 34.02 -9.52
C ILE B 409 17.15 32.56 -9.59
N THR B 410 18.46 32.30 -9.36
CA THR B 410 18.94 30.92 -9.29
C THR B 410 18.63 30.36 -7.91
N LYS B 411 17.95 29.19 -7.90
CA LYS B 411 17.61 28.49 -6.66
C LYS B 411 18.31 27.12 -6.68
N LEU B 412 18.46 26.52 -5.51
CA LEU B 412 19.13 25.23 -5.39
C LEU B 412 18.18 24.19 -4.95
N ILE B 413 18.39 22.97 -5.47
CA ILE B 413 17.68 21.76 -5.05
C ILE B 413 18.75 20.95 -4.35
N VAL B 414 18.53 20.68 -3.05
CA VAL B 414 19.44 19.90 -2.23
C VAL B 414 18.81 18.53 -2.05
N ASP B 415 19.38 17.52 -2.72
CA ASP B 415 18.90 16.14 -2.67
C ASP B 415 19.50 15.47 -1.40
N ALA B 416 18.66 15.29 -0.37
CA ALA B 416 19.07 14.75 0.91
C ALA B 416 18.22 13.53 1.32
N THR B 417 18.81 12.66 2.14
CA THR B 417 18.16 11.48 2.70
C THR B 417 18.16 11.65 4.22
N LEU B 418 17.01 11.39 4.86
CA LEU B 418 16.89 11.40 6.30
C LEU B 418 17.72 10.18 6.81
N ILE B 419 18.63 10.41 7.74
CA ILE B 419 19.42 9.29 8.21
C ILE B 419 18.87 8.76 9.56
N PRO B 420 18.77 7.41 9.71
CA PRO B 420 18.19 6.85 10.95
C PRO B 420 19.09 6.97 12.16
#